data_2MHC
#
_entry.id   2MHC
#
_entity_poly.entity_id   1
_entity_poly.type   'polypeptide(L)'
_entity_poly.pdbx_seq_one_letter_code
;GSRTSRITALYERLSRDDDLTGESNSITNQKKYLEDYARRNGFENIRHFTDDGFSGVNFNRPGFQSLIKEVEAGNVETLI
VKDMSRLGRNYLQVGFYTEVLFPQKNVRFLAINNSIDSNN
;
_entity_poly.pdbx_strand_id   A
#
# COMPACT_ATOMS: atom_id res chain seq x y z
N GLY A 1 -8.33 -8.72 -23.12
CA GLY A 1 -7.81 -8.86 -24.51
C GLY A 1 -6.46 -8.21 -24.70
N SER A 2 -6.45 -6.91 -25.01
CA SER A 2 -5.21 -6.17 -25.22
C SER A 2 -5.10 -4.98 -24.26
N ARG A 3 -6.06 -4.05 -24.37
CA ARG A 3 -6.08 -2.87 -23.51
C ARG A 3 -7.29 -2.90 -22.58
N THR A 4 -7.08 -2.51 -21.32
CA THR A 4 -8.16 -2.50 -20.34
C THR A 4 -7.84 -1.58 -19.16
N SER A 5 -8.71 -1.58 -18.14
CA SER A 5 -8.52 -0.76 -16.95
C SER A 5 -7.88 -1.54 -15.82
N ARG A 6 -6.65 -1.15 -15.46
CA ARG A 6 -5.92 -1.80 -14.36
C ARG A 6 -6.39 -1.21 -13.03
N ILE A 7 -5.56 -1.17 -11.98
CA ILE A 7 -6.03 -0.62 -10.71
C ILE A 7 -4.95 0.08 -9.87
N THR A 8 -5.42 0.69 -8.77
CA THR A 8 -4.57 1.39 -7.80
C THR A 8 -4.50 0.54 -6.53
N ALA A 9 -3.37 0.51 -5.83
CA ALA A 9 -3.29 -0.32 -4.64
C ALA A 9 -3.23 0.49 -3.35
N LEU A 10 -4.25 0.34 -2.55
CA LEU A 10 -4.33 1.00 -1.26
C LEU A 10 -4.22 -0.06 -0.18
N TYR A 11 -3.04 -0.19 0.42
CA TYR A 11 -2.81 -1.19 1.46
C TYR A 11 -2.56 -0.54 2.81
N GLU A 12 -3.37 -0.90 3.81
CA GLU A 12 -3.24 -0.29 5.13
C GLU A 12 -3.14 -1.33 6.26
N ARG A 13 -2.63 -0.86 7.42
CA ARG A 13 -2.47 -1.71 8.61
C ARG A 13 -2.50 -0.87 9.89
N LEU A 14 -3.48 -1.14 10.76
CA LEU A 14 -3.64 -0.43 12.03
C LEU A 14 -3.23 -1.36 13.17
N SER A 15 -2.61 -0.80 14.21
CA SER A 15 -2.15 -1.57 15.37
C SER A 15 -2.92 -1.21 16.63
N ARG A 16 -3.34 -2.26 17.36
CA ARG A 16 -4.09 -2.12 18.60
C ARG A 16 -3.19 -1.80 19.81
N ASP A 17 -1.87 -1.89 19.62
CA ASP A 17 -0.91 -1.64 20.71
C ASP A 17 -0.41 -0.19 20.73
N ASP A 18 -0.81 0.60 19.73
CA ASP A 18 -0.39 2.00 19.65
C ASP A 18 -1.08 2.86 20.71
N ASP A 19 -0.51 4.03 20.97
CA ASP A 19 -1.08 4.97 21.93
C ASP A 19 -1.81 6.10 21.19
N LEU A 20 -2.08 5.90 19.90
CA LEU A 20 -2.78 6.88 19.07
C LEU A 20 -4.13 7.26 19.68
N THR A 21 -5.08 6.32 19.64
CA THR A 21 -6.41 6.53 20.18
C THR A 21 -7.15 7.66 19.46
N GLY A 22 -7.96 7.30 18.46
CA GLY A 22 -8.70 8.28 17.70
C GLY A 22 -9.16 7.76 16.34
N GLU A 23 -8.37 8.04 15.30
CA GLU A 23 -8.70 7.61 13.94
C GLU A 23 -8.13 6.24 13.58
N SER A 24 -6.80 6.12 13.60
CA SER A 24 -6.13 4.88 13.22
C SER A 24 -6.37 3.71 14.18
N ASN A 25 -7.20 3.86 15.20
CA ASN A 25 -7.44 2.78 16.15
C ASN A 25 -8.62 1.88 15.73
N SER A 26 -8.67 1.51 14.45
CA SER A 26 -9.73 0.65 13.94
C SER A 26 -9.30 -0.09 12.67
N ILE A 27 -9.70 0.42 11.51
CA ILE A 27 -9.35 -0.18 10.22
C ILE A 27 -9.80 0.74 9.07
N THR A 28 -11.11 0.85 8.90
CA THR A 28 -11.68 1.69 7.85
C THR A 28 -11.20 3.15 7.96
N ASN A 29 -10.85 3.59 9.17
CA ASN A 29 -10.39 4.95 9.39
C ASN A 29 -9.11 5.23 8.60
N GLN A 30 -8.03 4.46 8.85
CA GLN A 30 -6.80 4.66 8.10
C GLN A 30 -7.04 4.38 6.61
N LYS A 31 -7.97 3.45 6.31
CA LYS A 31 -8.31 3.14 4.92
C LYS A 31 -8.77 4.43 4.23
N LYS A 32 -9.76 5.10 4.85
CA LYS A 32 -10.29 6.35 4.33
C LYS A 32 -9.18 7.40 4.20
N TYR A 33 -8.17 7.31 5.08
CA TYR A 33 -7.04 8.24 5.04
C TYR A 33 -6.39 8.20 3.66
N LEU A 34 -5.86 7.02 3.31
CA LEU A 34 -5.23 6.81 2.01
C LEU A 34 -6.19 7.24 0.92
N GLU A 35 -7.49 7.03 1.15
CA GLU A 35 -8.50 7.42 0.17
C GLU A 35 -8.43 8.91 -0.06
N ASP A 36 -8.45 9.69 1.04
CA ASP A 36 -8.35 11.14 0.97
C ASP A 36 -7.14 11.55 0.14
N TYR A 37 -6.10 10.71 0.16
CA TYR A 37 -4.88 10.96 -0.60
C TYR A 37 -5.09 10.64 -2.08
N ALA A 38 -5.37 9.37 -2.37
CA ALA A 38 -5.58 8.93 -3.74
C ALA A 38 -6.54 9.84 -4.50
N ARG A 39 -7.53 10.40 -3.79
CA ARG A 39 -8.49 11.31 -4.43
C ARG A 39 -7.86 12.69 -4.62
N ARG A 40 -7.18 13.18 -3.58
CA ARG A 40 -6.50 14.47 -3.66
C ARG A 40 -5.35 14.39 -4.67
N ASN A 41 -4.95 13.17 -5.03
CA ASN A 41 -3.89 12.92 -5.98
C ASN A 41 -4.43 12.65 -7.39
N GLY A 42 -5.53 11.89 -7.46
CA GLY A 42 -6.15 11.57 -8.74
C GLY A 42 -5.86 10.15 -9.21
N PHE A 43 -6.10 9.17 -8.33
CA PHE A 43 -5.86 7.76 -8.68
C PHE A 43 -7.17 6.99 -8.83
N GLU A 44 -7.23 6.13 -9.85
CA GLU A 44 -8.43 5.34 -10.14
C GLU A 44 -8.35 3.93 -9.62
N ASN A 45 -9.51 3.27 -9.65
CA ASN A 45 -9.63 1.89 -9.24
C ASN A 45 -8.98 1.64 -7.87
N ILE A 46 -8.96 2.66 -7.02
CA ILE A 46 -8.37 2.56 -5.70
C ILE A 46 -8.91 1.38 -4.94
N ARG A 47 -8.13 0.32 -4.94
CA ARG A 47 -8.49 -0.91 -4.25
C ARG A 47 -7.98 -0.86 -2.82
N HIS A 48 -8.84 -1.27 -1.89
CA HIS A 48 -8.48 -1.25 -0.49
C HIS A 48 -8.11 -2.64 0.02
N PHE A 49 -6.86 -2.77 0.47
CA PHE A 49 -6.35 -4.02 1.01
C PHE A 49 -6.27 -3.90 2.52
N THR A 50 -7.28 -4.50 3.16
CA THR A 50 -7.46 -4.46 4.61
C THR A 50 -6.49 -5.33 5.38
N ASP A 51 -6.29 -4.94 6.65
CA ASP A 51 -5.39 -5.63 7.56
C ASP A 51 -6.13 -6.21 8.75
N ASP A 52 -5.65 -7.35 9.23
CA ASP A 52 -6.23 -8.01 10.39
C ASP A 52 -5.24 -9.04 10.94
N GLY A 53 -4.67 -8.75 12.10
CA GLY A 53 -3.69 -9.65 12.71
C GLY A 53 -2.54 -9.96 11.76
N PHE A 54 -1.78 -8.93 11.40
CA PHE A 54 -0.64 -9.09 10.49
C PHE A 54 0.61 -9.50 11.23
N SER A 55 1.43 -10.30 10.55
CA SER A 55 2.69 -10.77 11.10
C SER A 55 3.73 -9.64 11.08
N GLY A 56 4.86 -9.85 11.75
CA GLY A 56 5.88 -8.83 11.78
C GLY A 56 7.21 -9.27 11.20
N VAL A 57 7.18 -10.08 10.14
CA VAL A 57 8.41 -10.55 9.51
C VAL A 57 8.79 -9.72 8.27
N ASN A 58 7.83 -9.47 7.37
CA ASN A 58 8.07 -8.70 6.14
C ASN A 58 6.79 -8.56 5.30
N PHE A 59 6.67 -9.38 4.24
CA PHE A 59 5.51 -9.33 3.35
C PHE A 59 4.73 -10.65 3.38
N ASN A 60 3.88 -10.87 2.37
CA ASN A 60 3.07 -12.08 2.28
C ASN A 60 1.98 -12.10 3.36
N ARG A 61 0.95 -11.30 3.14
CA ARG A 61 -0.18 -11.19 4.06
C ARG A 61 -1.49 -11.44 3.31
N PRO A 62 -2.60 -11.65 4.02
CA PRO A 62 -3.93 -11.88 3.42
C PRO A 62 -4.31 -10.73 2.46
N GLY A 63 -4.67 -9.57 3.04
CA GLY A 63 -5.01 -8.41 2.25
C GLY A 63 -3.87 -8.03 1.33
N PHE A 64 -2.65 -8.21 1.84
CA PHE A 64 -1.43 -7.93 1.08
C PHE A 64 -1.35 -8.84 -0.14
N GLN A 65 -1.68 -10.11 0.05
CA GLN A 65 -1.65 -11.09 -1.03
C GLN A 65 -2.57 -10.65 -2.15
N SER A 66 -3.66 -9.97 -1.80
CA SER A 66 -4.57 -9.45 -2.80
C SER A 66 -3.89 -8.28 -3.50
N LEU A 67 -3.22 -7.45 -2.71
CA LEU A 67 -2.45 -6.30 -3.21
C LEU A 67 -1.41 -6.80 -4.22
N ILE A 68 -0.59 -7.77 -3.78
CA ILE A 68 0.42 -8.36 -4.64
C ILE A 68 -0.23 -9.09 -5.82
N LYS A 69 -1.37 -9.74 -5.56
CA LYS A 69 -2.12 -10.46 -6.59
C LYS A 69 -2.42 -9.52 -7.76
N GLU A 70 -2.70 -8.26 -7.47
CA GLU A 70 -2.96 -7.28 -8.49
C GLU A 70 -1.64 -6.92 -9.19
N VAL A 71 -0.56 -6.86 -8.40
CA VAL A 71 0.76 -6.55 -8.95
C VAL A 71 1.20 -7.61 -9.96
N GLU A 72 1.10 -8.88 -9.56
CA GLU A 72 1.50 -10.00 -10.42
C GLU A 72 0.69 -10.03 -11.70
N ALA A 73 -0.64 -9.86 -11.58
CA ALA A 73 -1.52 -9.85 -12.73
C ALA A 73 -1.23 -8.64 -13.63
N GLY A 74 -0.55 -7.63 -13.06
CA GLY A 74 -0.22 -6.43 -13.79
C GLY A 74 -1.39 -5.46 -13.83
N ASN A 75 -1.89 -5.11 -12.64
CA ASN A 75 -3.03 -4.20 -12.48
C ASN A 75 -2.65 -3.00 -11.61
N VAL A 76 -2.11 -3.27 -10.43
CA VAL A 76 -1.73 -2.21 -9.50
C VAL A 76 -0.73 -1.22 -10.13
N GLU A 77 -1.25 -0.17 -10.76
CA GLU A 77 -0.41 0.84 -11.39
C GLU A 77 0.14 1.83 -10.36
N THR A 78 -0.35 1.74 -9.12
CA THR A 78 0.09 2.64 -8.05
C THR A 78 -0.08 1.99 -6.68
N LEU A 79 0.73 2.42 -5.72
CA LEU A 79 0.65 1.89 -4.37
C LEU A 79 0.56 3.02 -3.36
N ILE A 80 -0.52 3.03 -2.61
CA ILE A 80 -0.74 4.02 -1.58
C ILE A 80 -0.70 3.37 -0.19
N VAL A 81 0.30 3.76 0.60
CA VAL A 81 0.48 3.23 1.94
C VAL A 81 0.73 4.35 2.94
N LYS A 82 0.32 4.13 4.19
CA LYS A 82 0.53 5.12 5.25
C LYS A 82 2.03 5.43 5.40
N ASP A 83 2.85 4.41 5.17
CA ASP A 83 4.31 4.55 5.27
C ASP A 83 5.02 3.24 4.88
N MET A 84 6.30 3.34 4.56
CA MET A 84 7.10 2.18 4.17
C MET A 84 7.20 1.13 5.28
N SER A 85 6.77 1.48 6.51
CA SER A 85 6.83 0.54 7.63
C SER A 85 5.92 -0.66 7.41
N ARG A 86 4.81 -0.46 6.69
CA ARG A 86 3.86 -1.54 6.40
C ARG A 86 4.60 -2.74 5.79
N LEU A 87 5.34 -2.50 4.71
CA LEU A 87 6.09 -3.55 4.04
C LEU A 87 7.43 -3.84 4.73
N GLY A 88 7.91 -2.90 5.55
CA GLY A 88 9.16 -3.10 6.25
C GLY A 88 10.19 -2.02 5.96
N ARG A 89 11.07 -1.77 6.92
CA ARG A 89 12.12 -0.77 6.76
C ARG A 89 13.22 -1.29 5.83
N ASN A 90 13.27 -2.61 5.63
CA ASN A 90 14.26 -3.24 4.75
C ASN A 90 14.09 -2.77 3.30
N TYR A 91 14.61 -1.58 3.02
CA TYR A 91 14.53 -0.97 1.70
C TYR A 91 15.11 -1.88 0.59
N LEU A 92 15.85 -2.92 0.97
CA LEU A 92 16.41 -3.84 -0.01
C LEU A 92 15.30 -4.63 -0.69
N GLN A 93 14.50 -5.32 0.11
CA GLN A 93 13.38 -6.11 -0.38
C GLN A 93 12.22 -5.21 -0.80
N VAL A 94 11.89 -4.23 0.04
CA VAL A 94 10.81 -3.29 -0.28
C VAL A 94 11.08 -2.63 -1.62
N GLY A 95 12.34 -2.24 -1.83
CA GLY A 95 12.74 -1.63 -3.09
C GLY A 95 12.55 -2.60 -4.23
N PHE A 96 13.06 -3.83 -4.07
CA PHE A 96 12.91 -4.87 -5.09
C PHE A 96 11.49 -4.86 -5.63
N TYR A 97 10.52 -4.76 -4.71
CA TYR A 97 9.11 -4.73 -5.08
C TYR A 97 8.81 -3.53 -5.96
N THR A 98 9.22 -2.34 -5.53
CA THR A 98 8.96 -1.13 -6.29
C THR A 98 9.89 -0.93 -7.51
N GLU A 99 11.08 -1.57 -7.52
CA GLU A 99 12.03 -1.39 -8.63
C GLU A 99 11.96 -2.49 -9.68
N VAL A 100 11.86 -3.76 -9.29
CA VAL A 100 11.82 -4.86 -10.25
C VAL A 100 10.44 -5.51 -10.37
N LEU A 101 9.77 -5.67 -9.22
CA LEU A 101 8.45 -6.31 -9.16
C LEU A 101 7.34 -5.47 -9.79
N PHE A 102 7.14 -4.27 -9.25
CA PHE A 102 6.08 -3.35 -9.68
C PHE A 102 6.22 -2.82 -11.13
N PRO A 103 7.45 -2.65 -11.67
CA PRO A 103 7.66 -2.13 -13.03
C PRO A 103 6.69 -2.67 -14.09
N GLN A 104 6.27 -3.93 -13.94
CA GLN A 104 5.34 -4.57 -14.89
C GLN A 104 4.15 -3.66 -15.23
N LYS A 105 3.67 -2.90 -14.25
CA LYS A 105 2.52 -2.01 -14.45
C LYS A 105 2.87 -0.53 -14.24
N ASN A 106 4.16 -0.20 -14.07
CA ASN A 106 4.58 1.18 -13.83
C ASN A 106 3.89 1.72 -12.57
N VAL A 107 4.55 1.47 -11.44
CA VAL A 107 4.01 1.84 -10.14
C VAL A 107 4.54 3.14 -9.54
N ARG A 108 3.67 3.76 -8.76
CA ARG A 108 3.98 4.97 -8.04
C ARG A 108 3.69 4.70 -6.57
N PHE A 109 4.72 4.31 -5.85
CA PHE A 109 4.56 3.96 -4.45
C PHE A 109 4.51 5.21 -3.58
N LEU A 110 3.65 5.19 -2.57
CA LEU A 110 3.49 6.32 -1.66
C LEU A 110 3.59 5.89 -0.20
N ALA A 111 4.45 6.58 0.52
CA ALA A 111 4.65 6.33 1.94
C ALA A 111 4.41 7.65 2.68
N ILE A 112 3.22 7.78 3.24
CA ILE A 112 2.84 9.03 3.91
C ILE A 112 3.73 9.43 5.09
N ASN A 113 4.03 8.50 6.00
CA ASN A 113 4.85 8.82 7.18
C ASN A 113 6.34 8.50 6.99
N ASN A 114 6.86 8.71 5.78
CA ASN A 114 8.29 8.46 5.51
C ASN A 114 8.61 8.66 4.03
N SER A 115 9.81 9.14 3.74
CA SER A 115 10.25 9.37 2.36
C SER A 115 10.33 8.04 1.61
N ILE A 116 9.38 7.82 0.70
CA ILE A 116 9.33 6.60 -0.09
C ILE A 116 10.57 6.41 -0.96
N ASP A 117 10.94 7.44 -1.71
CA ASP A 117 12.10 7.36 -2.59
C ASP A 117 12.47 8.74 -3.15
N SER A 118 12.19 9.80 -2.39
CA SER A 118 12.49 11.15 -2.82
C SER A 118 13.92 11.55 -2.42
N ASN A 119 14.20 12.86 -2.42
CA ASN A 119 15.53 13.36 -2.05
C ASN A 119 15.46 14.25 -0.82
N ASN A 120 14.70 15.33 -0.93
CA ASN A 120 14.54 16.28 0.16
C ASN A 120 13.70 15.68 1.29
N GLY A 1 -14.38 -6.63 -18.04
CA GLY A 1 -13.73 -7.40 -16.95
C GLY A 1 -12.72 -8.42 -17.46
N SER A 2 -11.71 -7.92 -18.18
CA SER A 2 -10.66 -8.78 -18.74
C SER A 2 -9.41 -7.97 -19.06
N ARG A 3 -9.43 -7.28 -20.22
CA ARG A 3 -8.31 -6.47 -20.66
C ARG A 3 -8.58 -4.98 -20.43
N THR A 4 -7.59 -4.15 -20.78
CA THR A 4 -7.68 -2.68 -20.65
C THR A 4 -7.68 -2.23 -19.18
N SER A 5 -6.93 -1.15 -18.91
CA SER A 5 -6.83 -0.57 -17.57
C SER A 5 -6.12 -1.50 -16.57
N ARG A 6 -5.34 -0.88 -15.70
CA ARG A 6 -4.59 -1.59 -14.66
C ARG A 6 -5.23 -1.30 -13.30
N ILE A 7 -4.41 -1.13 -12.25
CA ILE A 7 -4.97 -0.85 -10.93
C ILE A 7 -4.03 -0.05 -10.03
N THR A 8 -4.62 0.58 -9.01
CA THR A 8 -3.88 1.34 -8.01
C THR A 8 -3.85 0.51 -6.72
N ALA A 9 -2.71 0.46 -6.03
CA ALA A 9 -2.65 -0.35 -4.82
C ALA A 9 -2.63 0.46 -3.55
N LEU A 10 -3.70 0.35 -2.80
CA LEU A 10 -3.83 1.00 -1.52
C LEU A 10 -3.72 -0.05 -0.43
N TYR A 11 -2.55 -0.13 0.22
CA TYR A 11 -2.33 -1.14 1.25
C TYR A 11 -2.07 -0.46 2.60
N GLU A 12 -2.72 -0.96 3.67
CA GLU A 12 -2.57 -0.35 4.99
C GLU A 12 -2.80 -1.33 6.13
N ARG A 13 -2.70 -0.79 7.36
CA ARG A 13 -2.91 -1.57 8.58
C ARG A 13 -3.26 -0.67 9.77
N LEU A 14 -3.98 -1.25 10.74
CA LEU A 14 -4.37 -0.54 11.96
C LEU A 14 -4.64 -1.55 13.09
N SER A 15 -3.98 -1.36 14.23
CA SER A 15 -4.14 -2.25 15.38
C SER A 15 -4.85 -1.55 16.54
N ARG A 16 -5.84 -2.24 17.11
CA ARG A 16 -6.62 -1.72 18.24
C ARG A 16 -5.89 -1.88 19.57
N ASP A 17 -4.78 -2.63 19.58
CA ASP A 17 -4.02 -2.86 20.81
C ASP A 17 -3.06 -1.72 21.14
N ASP A 18 -2.69 -0.95 20.13
CA ASP A 18 -1.76 0.18 20.31
C ASP A 18 -2.38 1.29 21.16
N ASP A 19 -1.51 2.14 21.72
CA ASP A 19 -1.96 3.27 22.54
C ASP A 19 -2.67 4.32 21.68
N LEU A 20 -2.42 4.27 20.37
CA LEU A 20 -3.03 5.20 19.42
C LEU A 20 -4.53 4.94 19.29
N THR A 21 -5.31 6.03 19.18
CA THR A 21 -6.76 5.90 19.06
C THR A 21 -7.38 7.15 18.42
N GLY A 22 -8.04 6.96 17.28
CA GLY A 22 -8.66 8.07 16.57
C GLY A 22 -8.94 7.74 15.10
N GLU A 23 -8.99 8.78 14.26
CA GLU A 23 -9.25 8.57 12.82
C GLU A 23 -8.16 7.69 12.21
N SER A 24 -6.91 7.96 12.55
CA SER A 24 -5.78 7.19 12.02
C SER A 24 -5.71 5.79 12.64
N ASN A 25 -6.70 5.40 13.44
CA ASN A 25 -6.68 4.08 14.08
C ASN A 25 -8.07 3.42 14.12
N SER A 26 -8.55 2.91 12.97
CA SER A 26 -9.86 2.25 12.91
C SER A 26 -10.07 1.40 11.63
N ILE A 27 -8.98 0.97 10.99
CA ILE A 27 -9.06 0.18 9.74
C ILE A 27 -9.75 0.97 8.64
N THR A 28 -11.10 0.96 8.66
CA THR A 28 -11.90 1.67 7.67
C THR A 28 -11.51 3.15 7.62
N ASN A 29 -11.21 3.73 8.78
CA ASN A 29 -10.82 5.13 8.85
C ASN A 29 -9.52 5.37 8.09
N GLN A 30 -8.49 4.55 8.35
CA GLN A 30 -7.21 4.70 7.64
C GLN A 30 -7.45 4.52 6.14
N LYS A 31 -8.40 3.63 5.78
CA LYS A 31 -8.76 3.40 4.39
C LYS A 31 -9.11 4.73 3.74
N LYS A 32 -10.07 5.42 4.33
CA LYS A 32 -10.51 6.74 3.87
C LYS A 32 -9.31 7.67 3.72
N TYR A 33 -8.33 7.54 4.62
CA TYR A 33 -7.12 8.37 4.59
C TYR A 33 -6.43 8.29 3.23
N LEU A 34 -5.91 7.12 2.90
CA LEU A 34 -5.24 6.92 1.62
C LEU A 34 -6.20 7.27 0.49
N GLU A 35 -7.49 6.97 0.69
CA GLU A 35 -8.51 7.27 -0.30
C GLU A 35 -8.51 8.75 -0.60
N ASP A 36 -8.48 9.56 0.47
CA ASP A 36 -8.43 11.01 0.36
C ASP A 36 -7.22 11.45 -0.45
N TYR A 37 -6.13 10.69 -0.35
CA TYR A 37 -4.90 10.97 -1.08
C TYR A 37 -5.06 10.58 -2.54
N ALA A 38 -5.30 9.28 -2.77
CA ALA A 38 -5.46 8.74 -4.11
C ALA A 38 -6.37 9.61 -4.98
N ARG A 39 -7.38 10.24 -4.37
CA ARG A 39 -8.28 11.13 -5.13
C ARG A 39 -7.62 12.48 -5.34
N ARG A 40 -7.05 13.05 -4.27
CA ARG A 40 -6.35 14.34 -4.37
C ARG A 40 -5.20 14.21 -5.38
N ASN A 41 -4.74 12.98 -5.59
CA ASN A 41 -3.64 12.69 -6.51
C ASN A 41 -4.17 12.34 -7.91
N GLY A 42 -5.35 11.73 -7.96
CA GLY A 42 -5.95 11.36 -9.24
C GLY A 42 -5.59 9.95 -9.69
N PHE A 43 -5.76 8.97 -8.80
CA PHE A 43 -5.44 7.58 -9.11
C PHE A 43 -6.70 6.74 -9.36
N GLU A 44 -6.62 5.84 -10.34
CA GLU A 44 -7.74 4.99 -10.69
C GLU A 44 -7.63 3.60 -10.10
N ASN A 45 -8.73 2.88 -10.16
CA ASN A 45 -8.79 1.50 -9.69
C ASN A 45 -8.19 1.37 -8.29
N ILE A 46 -8.30 2.40 -7.47
CA ILE A 46 -7.76 2.40 -6.13
C ILE A 46 -8.32 1.26 -5.30
N ARG A 47 -7.53 0.21 -5.21
CA ARG A 47 -7.90 -0.98 -4.45
C ARG A 47 -7.40 -0.88 -3.02
N HIS A 48 -8.30 -1.13 -2.08
CA HIS A 48 -7.97 -1.04 -0.67
C HIS A 48 -7.66 -2.42 -0.07
N PHE A 49 -6.40 -2.60 0.33
CA PHE A 49 -5.95 -3.86 0.92
C PHE A 49 -5.87 -3.71 2.44
N THR A 50 -6.93 -4.17 3.08
CA THR A 50 -7.11 -4.10 4.52
C THR A 50 -6.30 -5.14 5.29
N ASP A 51 -6.02 -4.82 6.57
CA ASP A 51 -5.26 -5.70 7.43
C ASP A 51 -6.10 -6.24 8.58
N ASP A 52 -5.80 -7.46 8.98
CA ASP A 52 -6.48 -8.10 10.09
C ASP A 52 -5.60 -9.22 10.63
N GLY A 53 -5.03 -9.01 11.82
CA GLY A 53 -4.16 -10.00 12.42
C GLY A 53 -2.94 -10.28 11.55
N PHE A 54 -2.11 -9.26 11.34
CA PHE A 54 -0.90 -9.38 10.52
C PHE A 54 0.30 -9.73 11.40
N SER A 55 1.02 -10.79 11.02
CA SER A 55 2.22 -11.20 11.77
C SER A 55 3.29 -10.11 11.65
N GLY A 56 4.35 -10.23 12.45
CA GLY A 56 5.41 -9.23 12.40
C GLY A 56 6.70 -9.71 11.73
N VAL A 57 6.58 -10.42 10.61
CA VAL A 57 7.76 -10.92 9.90
C VAL A 57 8.16 -10.04 8.71
N ASN A 58 7.20 -9.66 7.86
CA ASN A 58 7.48 -8.82 6.67
C ASN A 58 6.26 -8.74 5.73
N PHE A 59 6.36 -9.33 4.53
CA PHE A 59 5.28 -9.31 3.56
C PHE A 59 4.52 -10.63 3.56
N ASN A 60 3.53 -10.75 2.66
CA ASN A 60 2.71 -11.96 2.53
C ASN A 60 1.56 -11.93 3.55
N ARG A 61 0.54 -11.15 3.21
CA ARG A 61 -0.66 -10.99 4.04
C ARG A 61 -1.90 -11.22 3.18
N PRO A 62 -3.06 -11.45 3.79
CA PRO A 62 -4.32 -11.66 3.06
C PRO A 62 -4.61 -10.50 2.09
N GLY A 63 -4.98 -9.34 2.66
CA GLY A 63 -5.23 -8.16 1.84
C GLY A 63 -4.02 -7.84 0.97
N PHE A 64 -2.84 -8.03 1.56
CA PHE A 64 -1.57 -7.79 0.88
C PHE A 64 -1.43 -8.73 -0.32
N GLN A 65 -1.81 -10.00 -0.13
CA GLN A 65 -1.73 -11.00 -1.20
C GLN A 65 -2.53 -10.54 -2.40
N SER A 66 -3.60 -9.78 -2.14
CA SER A 66 -4.41 -9.24 -3.22
C SER A 66 -3.58 -8.15 -3.91
N LEU A 67 -2.96 -7.30 -3.08
CA LEU A 67 -2.08 -6.23 -3.54
C LEU A 67 -0.97 -6.81 -4.41
N ILE A 68 -0.29 -7.86 -3.89
CA ILE A 68 0.78 -8.52 -4.60
C ILE A 68 0.26 -9.25 -5.84
N LYS A 69 -0.92 -9.88 -5.73
CA LYS A 69 -1.55 -10.59 -6.86
C LYS A 69 -1.64 -9.68 -8.08
N GLU A 70 -1.93 -8.41 -7.83
CA GLU A 70 -2.02 -7.42 -8.90
C GLU A 70 -0.61 -7.08 -9.38
N VAL A 71 0.33 -6.97 -8.44
CA VAL A 71 1.72 -6.67 -8.78
C VAL A 71 2.33 -7.76 -9.66
N GLU A 72 2.03 -9.03 -9.35
CA GLU A 72 2.54 -10.16 -10.13
C GLU A 72 1.92 -10.18 -11.53
N ALA A 73 0.61 -9.92 -11.59
CA ALA A 73 -0.10 -9.88 -12.87
C ALA A 73 0.29 -8.64 -13.69
N GLY A 74 1.05 -7.73 -13.09
CA GLY A 74 1.47 -6.51 -13.77
C GLY A 74 0.32 -5.54 -13.94
N ASN A 75 -0.57 -5.50 -12.96
CA ASN A 75 -1.73 -4.63 -12.95
C ASN A 75 -1.44 -3.36 -12.16
N VAL A 76 -1.09 -3.53 -10.88
CA VAL A 76 -0.80 -2.40 -10.01
C VAL A 76 0.15 -1.41 -10.67
N GLU A 77 -0.36 -0.21 -10.92
CA GLU A 77 0.43 0.85 -11.54
C GLU A 77 0.85 1.90 -10.51
N THR A 78 0.40 1.72 -9.26
CA THR A 78 0.71 2.65 -8.17
C THR A 78 0.53 2.00 -6.82
N LEU A 79 1.27 2.50 -5.83
CA LEU A 79 1.16 1.98 -4.47
C LEU A 79 1.01 3.13 -3.48
N ILE A 80 -0.08 3.09 -2.73
CA ILE A 80 -0.37 4.09 -1.72
C ILE A 80 -0.42 3.47 -0.33
N VAL A 81 0.53 3.85 0.51
CA VAL A 81 0.63 3.33 1.87
C VAL A 81 0.80 4.47 2.87
N LYS A 82 0.21 4.31 4.06
CA LYS A 82 0.35 5.30 5.12
C LYS A 82 1.84 5.53 5.43
N ASP A 83 2.63 4.46 5.31
CA ASP A 83 4.08 4.53 5.55
C ASP A 83 4.76 3.18 5.28
N MET A 84 6.08 3.21 5.10
CA MET A 84 6.87 2.01 4.82
C MET A 84 6.86 0.99 5.96
N SER A 85 6.24 1.32 7.10
CA SER A 85 6.20 0.39 8.23
C SER A 85 5.30 -0.82 7.92
N ARG A 86 4.41 -0.66 6.95
CA ARG A 86 3.49 -1.74 6.57
C ARG A 86 4.24 -2.92 5.94
N LEU A 87 5.01 -2.64 4.89
CA LEU A 87 5.76 -3.70 4.20
C LEU A 87 7.03 -4.08 4.97
N GLY A 88 7.52 -3.18 5.83
CA GLY A 88 8.72 -3.49 6.61
C GLY A 88 9.80 -2.44 6.54
N ARG A 89 10.65 -2.43 7.56
CA ARG A 89 11.76 -1.48 7.63
C ARG A 89 12.88 -1.89 6.65
N ASN A 90 12.94 -3.21 6.36
CA ASN A 90 13.95 -3.74 5.44
C ASN A 90 13.81 -3.11 4.06
N TYR A 91 14.53 -2.01 3.85
CA TYR A 91 14.52 -1.29 2.58
C TYR A 91 15.10 -2.12 1.44
N LEU A 92 15.80 -3.21 1.76
CA LEU A 92 16.37 -4.09 0.74
C LEU A 92 15.24 -4.82 0.04
N GLN A 93 14.43 -5.50 0.85
CA GLN A 93 13.28 -6.25 0.37
C GLN A 93 12.21 -5.30 -0.14
N VAL A 94 11.90 -4.28 0.68
CA VAL A 94 10.91 -3.27 0.32
C VAL A 94 11.31 -2.59 -0.99
N GLY A 95 12.57 -2.17 -1.07
CA GLY A 95 13.09 -1.54 -2.26
C GLY A 95 13.01 -2.48 -3.44
N PHE A 96 13.50 -3.70 -3.26
CA PHE A 96 13.46 -4.72 -4.32
C PHE A 96 12.09 -4.71 -5.00
N TYR A 97 11.05 -4.65 -4.19
CA TYR A 97 9.68 -4.62 -4.70
C TYR A 97 9.44 -3.38 -5.55
N THR A 98 9.85 -2.22 -5.05
CA THR A 98 9.64 -0.97 -5.77
C THR A 98 10.67 -0.73 -6.90
N GLU A 99 11.85 -1.34 -6.82
CA GLU A 99 12.90 -1.14 -7.84
C GLU A 99 12.94 -2.21 -8.93
N VAL A 100 12.80 -3.48 -8.56
CA VAL A 100 12.86 -4.56 -9.56
C VAL A 100 11.50 -5.22 -9.81
N LEU A 101 10.74 -5.45 -8.74
CA LEU A 101 9.42 -6.10 -8.84
C LEU A 101 8.38 -5.24 -9.57
N PHE A 102 8.03 -4.11 -8.97
CA PHE A 102 7.01 -3.19 -9.51
C PHE A 102 7.28 -2.68 -10.94
N PRO A 103 8.56 -2.48 -11.33
CA PRO A 103 8.93 -1.96 -12.67
C PRO A 103 8.15 -2.55 -13.84
N GLN A 104 7.81 -3.84 -13.77
CA GLN A 104 7.08 -4.52 -14.86
C GLN A 104 5.85 -3.73 -15.31
N LYS A 105 5.28 -2.91 -14.42
CA LYS A 105 4.09 -2.12 -14.74
C LYS A 105 4.26 -0.63 -14.44
N ASN A 106 5.46 -0.21 -14.01
CA ASN A 106 5.72 1.19 -13.67
C ASN A 106 4.87 1.59 -12.46
N VAL A 107 5.51 1.66 -11.30
CA VAL A 107 4.83 1.97 -10.06
C VAL A 107 5.22 3.30 -9.44
N ARG A 108 4.25 3.88 -8.74
CA ARG A 108 4.42 5.12 -8.01
C ARG A 108 4.10 4.84 -6.55
N PHE A 109 5.14 4.55 -5.78
CA PHE A 109 4.96 4.21 -4.38
C PHE A 109 4.79 5.45 -3.51
N LEU A 110 3.95 5.34 -2.49
CA LEU A 110 3.67 6.45 -1.60
C LEU A 110 3.75 6.03 -0.12
N ALA A 111 4.54 6.79 0.62
CA ALA A 111 4.72 6.58 2.05
C ALA A 111 4.38 7.89 2.75
N ILE A 112 3.22 7.95 3.36
CA ILE A 112 2.74 9.18 4.00
C ILE A 112 3.49 9.60 5.28
N ASN A 113 3.75 8.64 6.17
CA ASN A 113 4.40 8.95 7.45
C ASN A 113 5.94 9.07 7.35
N ASN A 114 6.48 9.16 6.13
CA ASN A 114 7.93 9.26 5.94
C ASN A 114 8.31 9.37 4.46
N SER A 115 9.54 9.79 4.19
CA SER A 115 10.05 9.92 2.83
C SER A 115 10.18 8.54 2.18
N ILE A 116 9.27 8.22 1.27
CA ILE A 116 9.27 6.94 0.57
C ILE A 116 10.62 6.62 -0.09
N ASP A 117 11.23 7.63 -0.71
CA ASP A 117 12.50 7.47 -1.38
C ASP A 117 13.00 8.82 -1.90
N SER A 118 12.08 9.61 -2.45
CA SER A 118 12.39 10.92 -2.98
C SER A 118 12.72 11.93 -1.87
N ASN A 119 13.50 12.95 -2.21
CA ASN A 119 13.88 13.97 -1.22
C ASN A 119 14.47 15.21 -1.90
N ASN A 120 15.24 15.98 -1.12
CA ASN A 120 15.89 17.18 -1.62
C ASN A 120 17.33 17.25 -1.13
N GLY A 1 -8.55 5.25 -24.38
CA GLY A 1 -9.69 5.35 -23.42
C GLY A 1 -10.58 4.13 -23.45
N SER A 2 -10.66 3.43 -22.32
CA SER A 2 -11.49 2.22 -22.18
C SER A 2 -10.91 1.04 -22.99
N ARG A 3 -10.42 0.04 -22.27
CA ARG A 3 -9.84 -1.15 -22.89
C ARG A 3 -9.55 -2.23 -21.85
N THR A 4 -8.65 -1.94 -20.91
CA THR A 4 -8.28 -2.88 -19.86
C THR A 4 -8.42 -2.23 -18.48
N SER A 5 -7.66 -1.15 -18.27
CA SER A 5 -7.69 -0.42 -17.00
C SER A 5 -7.17 -1.26 -15.84
N ARG A 6 -5.89 -1.09 -15.53
CA ARG A 6 -5.24 -1.80 -14.41
C ARG A 6 -5.77 -1.22 -13.08
N ILE A 7 -4.99 -1.28 -11.99
CA ILE A 7 -5.50 -0.76 -10.71
C ILE A 7 -4.45 -0.10 -9.81
N THR A 8 -4.97 0.60 -8.80
CA THR A 8 -4.15 1.27 -7.78
C THR A 8 -4.14 0.42 -6.51
N ALA A 9 -3.02 0.40 -5.77
CA ALA A 9 -2.96 -0.42 -4.59
C ALA A 9 -2.94 0.40 -3.30
N LEU A 10 -3.96 0.19 -2.49
CA LEU A 10 -4.09 0.84 -1.19
C LEU A 10 -3.94 -0.21 -0.10
N TYR A 11 -2.77 -0.27 0.53
CA TYR A 11 -2.51 -1.27 1.56
C TYR A 11 -2.30 -0.61 2.94
N GLU A 12 -3.03 -1.09 3.97
CA GLU A 12 -2.93 -0.49 5.31
C GLU A 12 -3.19 -1.47 6.47
N ARG A 13 -2.42 -1.27 7.57
CA ARG A 13 -2.56 -2.05 8.81
C ARG A 13 -2.96 -1.11 9.97
N LEU A 14 -3.98 -1.49 10.75
CA LEU A 14 -4.41 -0.68 11.90
C LEU A 14 -4.18 -1.45 13.20
N SER A 15 -3.70 -0.74 14.22
CA SER A 15 -3.37 -1.34 15.52
C SER A 15 -4.58 -1.49 16.44
N ARG A 16 -4.82 -2.74 16.89
CA ARG A 16 -5.92 -3.05 17.79
C ARG A 16 -5.59 -2.72 19.25
N ASP A 17 -4.32 -2.39 19.54
CA ASP A 17 -3.92 -2.05 20.91
C ASP A 17 -4.59 -0.75 21.34
N ASP A 18 -5.00 0.05 20.36
CA ASP A 18 -5.69 1.32 20.58
C ASP A 18 -5.27 2.00 21.89
N ASP A 19 -3.96 2.13 22.07
CA ASP A 19 -3.40 2.81 23.25
C ASP A 19 -3.27 4.31 22.96
N LEU A 20 -3.95 4.74 21.89
CA LEU A 20 -3.91 6.12 21.43
C LEU A 20 -5.34 6.61 21.11
N THR A 21 -6.12 5.76 20.40
CA THR A 21 -7.51 6.06 20.03
C THR A 21 -7.63 7.22 19.04
N GLY A 22 -8.60 7.11 18.14
CA GLY A 22 -8.83 8.15 17.14
C GLY A 22 -8.91 7.60 15.73
N GLU A 23 -8.85 8.51 14.74
CA GLU A 23 -8.90 8.13 13.32
C GLU A 23 -7.74 7.20 12.96
N SER A 24 -6.64 7.31 13.70
CA SER A 24 -5.47 6.48 13.48
C SER A 24 -5.66 5.07 14.07
N ASN A 25 -6.87 4.77 14.57
CA ASN A 25 -7.15 3.46 15.18
C ASN A 25 -8.44 2.85 14.63
N SER A 26 -8.42 2.54 13.33
CA SER A 26 -9.58 1.93 12.68
C SER A 26 -9.23 1.53 11.25
N ILE A 27 -9.48 0.26 10.93
CA ILE A 27 -9.20 -0.26 9.59
C ILE A 27 -9.81 0.63 8.51
N THR A 28 -11.14 0.73 8.53
CA THR A 28 -11.87 1.56 7.57
C THR A 28 -11.39 3.01 7.57
N ASN A 29 -10.99 3.51 8.74
CA ASN A 29 -10.52 4.89 8.87
C ASN A 29 -9.27 5.16 8.04
N GLN A 30 -8.19 4.38 8.25
CA GLN A 30 -6.98 4.60 7.46
C GLN A 30 -7.25 4.36 5.98
N LYS A 31 -8.18 3.44 5.70
CA LYS A 31 -8.54 3.14 4.32
C LYS A 31 -8.93 4.45 3.62
N LYS A 32 -9.85 5.18 4.26
CA LYS A 32 -10.33 6.47 3.75
C LYS A 32 -9.17 7.46 3.62
N TYR A 33 -8.24 7.42 4.58
CA TYR A 33 -7.08 8.31 4.57
C TYR A 33 -6.37 8.23 3.22
N LEU A 34 -5.80 7.06 2.94
CA LEU A 34 -5.09 6.81 1.69
C LEU A 34 -5.97 7.19 0.52
N GLU A 35 -7.27 6.85 0.60
CA GLU A 35 -8.21 7.17 -0.45
C GLU A 35 -8.22 8.67 -0.74
N ASP A 36 -8.28 9.46 0.34
CA ASP A 36 -8.28 10.93 0.24
C ASP A 36 -7.03 11.40 -0.50
N TYR A 37 -5.93 10.68 -0.31
CA TYR A 37 -4.68 11.01 -0.97
C TYR A 37 -4.75 10.57 -2.43
N ALA A 38 -4.95 9.27 -2.62
CA ALA A 38 -5.04 8.68 -3.96
C ALA A 38 -5.96 9.49 -4.87
N ARG A 39 -7.05 10.04 -4.31
CA ARG A 39 -7.97 10.85 -5.10
C ARG A 39 -7.36 12.22 -5.38
N ARG A 40 -6.80 12.84 -4.34
CA ARG A 40 -6.14 14.14 -4.48
C ARG A 40 -4.91 14.02 -5.41
N ASN A 41 -4.43 12.78 -5.56
CA ASN A 41 -3.28 12.49 -6.41
C ASN A 41 -3.71 12.15 -7.83
N GLY A 42 -4.86 11.49 -7.96
CA GLY A 42 -5.39 11.12 -9.26
C GLY A 42 -5.18 9.64 -9.60
N PHE A 43 -5.45 8.77 -8.63
CA PHE A 43 -5.29 7.33 -8.82
C PHE A 43 -6.63 6.62 -8.91
N GLU A 44 -6.79 5.78 -9.94
CA GLU A 44 -8.02 5.04 -10.16
C GLU A 44 -7.94 3.61 -9.67
N ASN A 45 -9.10 2.98 -9.63
CA ASN A 45 -9.22 1.58 -9.22
C ASN A 45 -8.57 1.35 -7.85
N ILE A 46 -8.55 2.40 -7.02
CA ILE A 46 -7.97 2.33 -5.68
C ILE A 46 -8.50 1.14 -4.92
N ARG A 47 -7.73 0.07 -4.95
CA ARG A 47 -8.09 -1.17 -4.27
C ARG A 47 -7.60 -1.14 -2.84
N HIS A 48 -8.45 -1.53 -1.91
CA HIS A 48 -8.10 -1.52 -0.51
C HIS A 48 -7.71 -2.90 -0.01
N PHE A 49 -6.45 -3.01 0.42
CA PHE A 49 -5.90 -4.26 0.96
C PHE A 49 -5.79 -4.14 2.47
N THR A 50 -6.76 -4.74 3.13
CA THR A 50 -6.89 -4.71 4.58
C THR A 50 -5.90 -5.61 5.30
N ASP A 51 -5.61 -5.22 6.53
CA ASP A 51 -4.69 -5.95 7.38
C ASP A 51 -5.38 -6.31 8.69
N ASP A 52 -5.03 -7.47 9.23
CA ASP A 52 -5.63 -7.94 10.47
C ASP A 52 -4.74 -9.01 11.10
N GLY A 53 -4.11 -8.65 12.22
CA GLY A 53 -3.22 -9.59 12.89
C GLY A 53 -2.13 -10.10 11.97
N PHE A 54 -1.24 -9.20 11.56
CA PHE A 54 -0.15 -9.53 10.65
C PHE A 54 1.11 -9.91 11.43
N SER A 55 1.82 -10.91 10.93
CA SER A 55 3.08 -11.38 11.55
C SER A 55 4.13 -10.26 11.50
N GLY A 56 5.24 -10.45 12.21
CA GLY A 56 6.27 -9.42 12.25
C GLY A 56 7.58 -9.83 11.59
N VAL A 57 7.52 -10.62 10.52
CA VAL A 57 8.73 -11.05 9.83
C VAL A 57 9.03 -10.20 8.58
N ASN A 58 8.00 -9.99 7.72
CA ASN A 58 8.14 -9.19 6.48
C ASN A 58 7.13 -9.63 5.41
N PHE A 59 6.36 -8.65 4.92
CA PHE A 59 5.34 -8.88 3.87
C PHE A 59 4.58 -10.21 4.07
N ASN A 60 3.97 -10.72 2.98
CA ASN A 60 3.21 -11.97 3.03
C ASN A 60 2.06 -11.89 4.03
N ARG A 61 0.91 -11.46 3.53
CA ARG A 61 -0.30 -11.30 4.33
C ARG A 61 -1.52 -11.62 3.48
N PRO A 62 -2.68 -11.86 4.11
CA PRO A 62 -3.93 -12.15 3.37
C PRO A 62 -4.26 -11.04 2.37
N GLY A 63 -4.68 -9.88 2.90
CA GLY A 63 -4.99 -8.74 2.04
C GLY A 63 -3.79 -8.32 1.22
N PHE A 64 -2.59 -8.46 1.80
CA PHE A 64 -1.35 -8.13 1.14
C PHE A 64 -1.11 -9.05 -0.06
N GLN A 65 -1.39 -10.34 0.14
CA GLN A 65 -1.24 -11.32 -0.93
C GLN A 65 -2.15 -10.93 -2.09
N SER A 66 -3.25 -10.25 -1.76
CA SER A 66 -4.17 -9.75 -2.77
C SER A 66 -3.47 -8.60 -3.48
N LEU A 67 -2.83 -7.73 -2.69
CA LEU A 67 -2.05 -6.61 -3.21
C LEU A 67 -1.03 -7.15 -4.22
N ILE A 68 -0.32 -8.21 -3.82
CA ILE A 68 0.65 -8.86 -4.68
C ILE A 68 -0.03 -9.52 -5.88
N LYS A 69 -1.21 -10.11 -5.66
CA LYS A 69 -1.97 -10.76 -6.72
C LYS A 69 -2.21 -9.80 -7.88
N GLU A 70 -2.44 -8.53 -7.56
CA GLU A 70 -2.63 -7.51 -8.57
C GLU A 70 -1.29 -7.16 -9.20
N VAL A 71 -0.23 -7.18 -8.37
CA VAL A 71 1.12 -6.88 -8.84
C VAL A 71 1.61 -7.95 -9.83
N GLU A 72 1.37 -9.24 -9.51
CA GLU A 72 1.80 -10.35 -10.38
C GLU A 72 1.08 -10.25 -11.72
N ALA A 73 -0.25 -10.11 -11.66
CA ALA A 73 -1.06 -9.98 -12.87
C ALA A 73 -0.64 -8.73 -13.66
N GLY A 74 -0.04 -7.77 -12.95
CA GLY A 74 0.40 -6.53 -13.55
C GLY A 74 -0.74 -5.53 -13.65
N ASN A 75 -1.40 -5.31 -12.52
CA ASN A 75 -2.52 -4.38 -12.43
C ASN A 75 -2.17 -3.19 -11.53
N VAL A 76 -1.54 -3.45 -10.40
CA VAL A 76 -1.17 -2.38 -9.48
C VAL A 76 -0.20 -1.39 -10.13
N GLU A 77 -0.74 -0.34 -10.75
CA GLU A 77 0.09 0.68 -11.39
C GLU A 77 0.53 1.76 -10.39
N THR A 78 0.08 1.62 -9.13
CA THR A 78 0.43 2.57 -8.07
C THR A 78 0.25 1.92 -6.71
N LEU A 79 1.03 2.38 -5.73
CA LEU A 79 0.92 1.85 -4.38
C LEU A 79 0.83 2.98 -3.37
N ILE A 80 -0.27 2.98 -2.63
CA ILE A 80 -0.53 3.97 -1.61
C ILE A 80 -0.51 3.33 -0.22
N VAL A 81 0.47 3.72 0.59
CA VAL A 81 0.62 3.20 1.94
C VAL A 81 0.85 4.34 2.94
N LYS A 82 0.39 4.16 4.17
CA LYS A 82 0.58 5.18 5.21
C LYS A 82 2.07 5.46 5.43
N ASP A 83 2.91 4.43 5.24
CA ASP A 83 4.37 4.56 5.40
C ASP A 83 5.08 3.24 5.08
N MET A 84 6.39 3.33 4.78
CA MET A 84 7.19 2.16 4.43
C MET A 84 7.38 1.17 5.61
N SER A 85 6.87 1.52 6.80
CA SER A 85 7.01 0.64 7.94
C SER A 85 6.11 -0.58 7.81
N ARG A 86 5.07 -0.48 6.97
CA ARG A 86 4.15 -1.58 6.75
C ARG A 86 4.87 -2.79 6.15
N LEU A 87 5.41 -2.62 4.94
CA LEU A 87 6.13 -3.71 4.27
C LEU A 87 7.44 -4.03 4.98
N GLY A 88 8.08 -3.03 5.59
CA GLY A 88 9.33 -3.29 6.30
C GLY A 88 10.38 -2.24 6.08
N ARG A 89 11.39 -2.25 6.96
CA ARG A 89 12.51 -1.32 6.89
C ARG A 89 13.52 -1.79 5.83
N ASN A 90 13.65 -3.11 5.68
CA ASN A 90 14.58 -3.71 4.72
C ASN A 90 14.34 -3.18 3.30
N TYR A 91 15.03 -2.09 2.97
CA TYR A 91 14.91 -1.46 1.65
C TYR A 91 15.33 -2.41 0.52
N LEU A 92 16.01 -3.51 0.86
CA LEU A 92 16.44 -4.48 -0.15
C LEU A 92 15.21 -5.19 -0.72
N GLN A 93 14.44 -5.81 0.18
CA GLN A 93 13.22 -6.52 -0.19
C GLN A 93 12.15 -5.52 -0.64
N VAL A 94 11.93 -4.49 0.18
CA VAL A 94 10.95 -3.45 -0.15
C VAL A 94 11.27 -2.86 -1.51
N GLY A 95 12.55 -2.61 -1.76
CA GLY A 95 12.98 -2.07 -3.03
C GLY A 95 12.72 -3.04 -4.15
N PHE A 96 13.16 -4.28 -3.98
CA PHE A 96 12.94 -5.32 -4.99
C PHE A 96 11.51 -5.23 -5.53
N TYR A 97 10.55 -5.04 -4.63
CA TYR A 97 9.14 -4.93 -5.03
C TYR A 97 8.92 -3.66 -5.85
N THR A 98 9.44 -2.54 -5.37
CA THR A 98 9.26 -1.25 -6.04
C THR A 98 10.27 -0.99 -7.19
N GLU A 99 11.33 -1.82 -7.29
CA GLU A 99 12.36 -1.62 -8.32
C GLU A 99 12.31 -2.65 -9.44
N VAL A 100 12.15 -3.93 -9.10
CA VAL A 100 12.12 -4.99 -10.11
C VAL A 100 10.72 -5.60 -10.29
N LEU A 101 10.01 -5.79 -9.19
CA LEU A 101 8.67 -6.40 -9.19
C LEU A 101 7.61 -5.50 -9.88
N PHE A 102 7.37 -4.33 -9.31
CA PHE A 102 6.35 -3.39 -9.81
C PHE A 102 6.60 -2.86 -11.25
N PRO A 103 7.87 -2.70 -11.68
CA PRO A 103 8.21 -2.17 -13.02
C PRO A 103 7.35 -2.70 -14.18
N GLN A 104 6.98 -3.97 -14.13
CA GLN A 104 6.17 -4.58 -15.20
C GLN A 104 4.93 -3.73 -15.53
N LYS A 105 4.46 -2.97 -14.56
CA LYS A 105 3.26 -2.15 -14.72
C LYS A 105 3.50 -0.66 -14.47
N ASN A 106 4.72 -0.28 -14.07
CA ASN A 106 5.04 1.11 -13.77
C ASN A 106 4.27 1.51 -12.51
N VAL A 107 4.99 1.62 -11.40
CA VAL A 107 4.39 1.91 -10.11
C VAL A 107 4.85 3.23 -9.51
N ARG A 108 3.93 3.82 -8.76
CA ARG A 108 4.18 5.04 -8.02
C ARG A 108 3.89 4.74 -6.56
N PHE A 109 4.94 4.36 -5.84
CA PHE A 109 4.79 3.99 -4.44
C PHE A 109 4.70 5.23 -3.55
N LEU A 110 3.87 5.15 -2.51
CA LEU A 110 3.68 6.27 -1.61
C LEU A 110 3.73 5.83 -0.16
N ALA A 111 4.59 6.52 0.59
CA ALA A 111 4.77 6.29 2.01
C ALA A 111 4.53 7.62 2.73
N ILE A 112 3.32 7.79 3.24
CA ILE A 112 2.92 9.05 3.87
C ILE A 112 3.71 9.44 5.14
N ASN A 113 4.10 8.47 5.96
CA ASN A 113 4.80 8.78 7.21
C ASN A 113 6.33 8.56 7.13
N ASN A 114 6.92 8.86 5.95
CA ASN A 114 8.37 8.72 5.78
C ASN A 114 8.77 8.84 4.31
N SER A 115 10.05 9.08 4.07
CA SER A 115 10.58 9.22 2.71
C SER A 115 10.55 7.87 1.99
N ILE A 116 9.59 7.72 1.07
CA ILE A 116 9.43 6.48 0.32
C ILE A 116 10.70 6.12 -0.47
N ASP A 117 11.31 7.13 -1.08
CA ASP A 117 12.52 6.93 -1.87
C ASP A 117 13.11 8.27 -2.31
N SER A 118 12.28 9.09 -2.93
CA SER A 118 12.70 10.41 -3.42
C SER A 118 11.53 11.19 -4.01
N ASN A 119 11.71 12.51 -4.11
CA ASN A 119 10.68 13.39 -4.67
C ASN A 119 11.27 14.71 -5.12
N ASN A 120 11.82 15.45 -4.17
CA ASN A 120 12.42 16.75 -4.44
C ASN A 120 13.79 16.60 -5.08
N GLY A 1 -11.52 -11.76 -16.67
CA GLY A 1 -12.46 -11.13 -17.63
C GLY A 1 -12.64 -9.65 -17.39
N SER A 2 -11.85 -8.83 -18.10
CA SER A 2 -11.92 -7.38 -17.97
C SER A 2 -11.78 -6.69 -19.33
N ARG A 3 -11.44 -5.40 -19.33
CA ARG A 3 -11.29 -4.65 -20.58
C ARG A 3 -9.92 -3.97 -20.65
N THR A 4 -9.76 -2.87 -19.92
CA THR A 4 -8.51 -2.11 -19.92
C THR A 4 -8.35 -1.33 -18.61
N SER A 5 -7.35 -0.43 -18.55
CA SER A 5 -7.08 0.38 -17.36
C SER A 5 -6.52 -0.44 -16.22
N ARG A 6 -5.23 -0.24 -15.92
CA ARG A 6 -4.57 -0.95 -14.81
C ARG A 6 -5.15 -0.46 -13.49
N ILE A 7 -4.40 -0.49 -12.37
CA ILE A 7 -4.96 -0.04 -11.10
C ILE A 7 -3.96 0.64 -10.16
N THR A 8 -4.52 1.30 -9.14
CA THR A 8 -3.75 1.97 -8.09
C THR A 8 -3.81 1.10 -6.84
N ALA A 9 -2.75 1.10 -6.03
CA ALA A 9 -2.75 0.25 -4.84
C ALA A 9 -2.84 1.03 -3.54
N LEU A 10 -3.83 0.67 -2.74
CA LEU A 10 -4.07 1.27 -1.44
C LEU A 10 -3.99 0.16 -0.38
N TYR A 11 -2.87 0.09 0.34
CA TYR A 11 -2.70 -0.96 1.35
C TYR A 11 -2.40 -0.37 2.73
N GLU A 12 -3.22 -0.73 3.73
CA GLU A 12 -3.05 -0.18 5.10
C GLU A 12 -3.54 -1.10 6.23
N ARG A 13 -2.82 -1.04 7.36
CA ARG A 13 -3.17 -1.79 8.57
C ARG A 13 -3.51 -0.82 9.71
N LEU A 14 -4.46 -1.21 10.56
CA LEU A 14 -4.84 -0.39 11.70
C LEU A 14 -4.30 -1.01 12.99
N SER A 15 -3.93 -0.17 13.94
CA SER A 15 -3.36 -0.63 15.22
C SER A 15 -4.42 -1.09 16.20
N ARG A 16 -4.31 -2.36 16.61
CA ARG A 16 -5.24 -2.95 17.57
C ARG A 16 -4.94 -2.51 19.01
N ASP A 17 -3.79 -1.85 19.22
CA ASP A 17 -3.42 -1.39 20.56
C ASP A 17 -4.31 -0.22 21.00
N ASP A 18 -4.91 0.47 20.01
CA ASP A 18 -5.80 1.60 20.26
C ASP A 18 -5.37 2.45 21.46
N ASP A 19 -4.11 2.86 21.44
CA ASP A 19 -3.55 3.70 22.50
C ASP A 19 -3.63 5.17 22.07
N LEU A 20 -4.44 5.44 21.04
CA LEU A 20 -4.61 6.78 20.49
C LEU A 20 -6.08 7.22 20.54
N THR A 21 -7.00 6.26 20.35
CA THR A 21 -8.43 6.51 20.37
C THR A 21 -8.83 7.65 19.43
N GLY A 22 -9.00 7.30 18.15
CA GLY A 22 -9.38 8.29 17.15
C GLY A 22 -9.66 7.66 15.80
N GLU A 23 -8.86 8.04 14.80
CA GLU A 23 -9.02 7.52 13.44
C GLU A 23 -8.17 6.26 13.23
N SER A 24 -6.96 6.25 13.79
CA SER A 24 -6.03 5.13 13.66
C SER A 24 -6.60 3.80 14.19
N ASN A 25 -7.54 3.88 15.14
CA ASN A 25 -8.13 2.67 15.72
C ASN A 25 -9.39 2.23 14.96
N SER A 26 -9.29 2.13 13.64
CA SER A 26 -10.41 1.71 12.81
C SER A 26 -9.95 1.42 11.39
N ILE A 27 -10.08 0.16 10.99
CA ILE A 27 -9.66 -0.26 9.65
C ILE A 27 -10.27 0.64 8.58
N THR A 28 -11.60 0.67 8.51
CA THR A 28 -12.31 1.48 7.51
C THR A 28 -11.91 2.97 7.59
N ASN A 29 -11.61 3.46 8.80
CA ASN A 29 -11.21 4.85 8.97
C ASN A 29 -9.94 5.15 8.17
N GLN A 30 -8.88 4.38 8.41
CA GLN A 30 -7.61 4.58 7.70
C GLN A 30 -7.82 4.37 6.19
N LYS A 31 -8.78 3.51 5.82
CA LYS A 31 -9.08 3.28 4.41
C LYS A 31 -9.46 4.61 3.77
N LYS A 32 -10.38 5.33 4.42
CA LYS A 32 -10.81 6.64 3.97
C LYS A 32 -9.63 7.61 3.92
N TYR A 33 -8.68 7.46 4.85
CA TYR A 33 -7.49 8.31 4.90
C TYR A 33 -6.77 8.27 3.56
N LEU A 34 -6.27 7.09 3.19
CA LEU A 34 -5.60 6.91 1.92
C LEU A 34 -6.50 7.42 0.80
N GLU A 35 -7.79 7.07 0.90
CA GLU A 35 -8.78 7.50 -0.07
C GLU A 35 -8.66 9.01 -0.31
N ASP A 36 -8.74 9.76 0.79
CA ASP A 36 -8.64 11.22 0.76
C ASP A 36 -7.33 11.66 0.08
N TYR A 37 -6.30 10.82 0.17
CA TYR A 37 -5.00 11.11 -0.43
C TYR A 37 -5.05 10.87 -1.94
N ALA A 38 -5.25 9.60 -2.33
CA ALA A 38 -5.30 9.24 -3.74
C ALA A 38 -6.21 10.16 -4.53
N ARG A 39 -7.29 10.67 -3.92
CA ARG A 39 -8.19 11.59 -4.62
C ARG A 39 -7.56 12.97 -4.68
N ARG A 40 -7.00 13.42 -3.56
CA ARG A 40 -6.33 14.71 -3.50
C ARG A 40 -5.06 14.69 -4.39
N ASN A 41 -4.64 13.47 -4.77
CA ASN A 41 -3.46 13.28 -5.60
C ASN A 41 -3.83 13.04 -7.06
N GLY A 42 -4.91 12.28 -7.29
CA GLY A 42 -5.37 11.99 -8.65
C GLY A 42 -5.06 10.57 -9.11
N PHE A 43 -5.40 9.56 -8.29
CA PHE A 43 -5.16 8.16 -8.65
C PHE A 43 -6.46 7.40 -8.91
N GLU A 44 -6.45 6.55 -9.95
CA GLU A 44 -7.62 5.76 -10.33
C GLU A 44 -7.52 4.32 -9.90
N ASN A 45 -8.64 3.61 -10.02
CA ASN A 45 -8.72 2.19 -9.69
C ASN A 45 -8.18 1.91 -8.28
N ILE A 46 -8.29 2.89 -7.39
CA ILE A 46 -7.82 2.76 -6.02
C ILE A 46 -8.41 1.54 -5.33
N ARG A 47 -7.59 0.49 -5.26
CA ARG A 47 -8.00 -0.74 -4.62
C ARG A 47 -7.55 -0.75 -3.16
N HIS A 48 -8.51 -0.96 -2.27
CA HIS A 48 -8.22 -0.97 -0.84
C HIS A 48 -7.85 -2.37 -0.35
N PHE A 49 -6.58 -2.53 0.01
CA PHE A 49 -6.07 -3.78 0.53
C PHE A 49 -6.01 -3.70 2.05
N THR A 50 -7.02 -4.29 2.66
CA THR A 50 -7.20 -4.28 4.10
C THR A 50 -6.24 -5.20 4.83
N ASP A 51 -5.99 -4.85 6.09
CA ASP A 51 -5.10 -5.60 6.95
C ASP A 51 -5.86 -6.10 8.16
N ASP A 52 -5.50 -7.30 8.63
CA ASP A 52 -6.16 -7.89 9.78
C ASP A 52 -5.35 -9.05 10.33
N GLY A 53 -4.81 -8.87 11.54
CA GLY A 53 -4.02 -9.91 12.17
C GLY A 53 -2.85 -10.36 11.31
N PHE A 54 -2.03 -9.39 10.87
CA PHE A 54 -0.88 -9.69 10.04
C PHE A 54 0.34 -10.00 10.91
N SER A 55 1.07 -11.03 10.51
CA SER A 55 2.27 -11.45 11.24
C SER A 55 3.32 -10.33 11.25
N GLY A 56 4.35 -10.50 12.07
CA GLY A 56 5.40 -9.49 12.15
C GLY A 56 6.72 -9.94 11.54
N VAL A 57 6.65 -10.62 10.39
CA VAL A 57 7.86 -11.10 9.72
C VAL A 57 8.31 -10.15 8.59
N ASN A 58 7.35 -9.74 7.74
CA ASN A 58 7.66 -8.83 6.61
C ASN A 58 6.48 -8.73 5.63
N PHE A 59 6.53 -9.49 4.53
CA PHE A 59 5.47 -9.46 3.52
C PHE A 59 4.73 -10.80 3.45
N ASN A 60 3.90 -10.97 2.42
CA ASN A 60 3.12 -12.20 2.24
C ASN A 60 1.99 -12.26 3.25
N ARG A 61 0.87 -11.67 2.86
CA ARG A 61 -0.35 -11.58 3.69
C ARG A 61 -1.57 -11.78 2.79
N PRO A 62 -2.75 -12.04 3.35
CA PRO A 62 -3.98 -12.23 2.55
C PRO A 62 -4.30 -10.96 1.76
N GLY A 63 -4.62 -9.88 2.47
CA GLY A 63 -4.91 -8.61 1.82
C GLY A 63 -3.73 -8.16 0.98
N PHE A 64 -2.53 -8.47 1.45
CA PHE A 64 -1.29 -8.14 0.78
C PHE A 64 -1.15 -8.95 -0.50
N GLN A 65 -1.47 -10.23 -0.41
CA GLN A 65 -1.40 -11.12 -1.56
C GLN A 65 -2.32 -10.61 -2.67
N SER A 66 -3.35 -9.85 -2.26
CA SER A 66 -4.24 -9.22 -3.23
C SER A 66 -3.48 -8.06 -3.87
N LEU A 67 -2.85 -7.25 -3.01
CA LEU A 67 -2.03 -6.13 -3.44
C LEU A 67 -0.95 -6.64 -4.40
N ILE A 68 -0.24 -7.70 -3.97
CA ILE A 68 0.80 -8.32 -4.77
C ILE A 68 0.19 -8.96 -6.03
N LYS A 69 -1.06 -9.44 -5.93
CA LYS A 69 -1.76 -10.06 -7.06
C LYS A 69 -1.89 -9.05 -8.20
N GLU A 70 -2.07 -7.79 -7.84
CA GLU A 70 -2.17 -6.71 -8.83
C GLU A 70 -0.77 -6.44 -9.36
N VAL A 71 0.23 -6.55 -8.47
CA VAL A 71 1.62 -6.32 -8.85
C VAL A 71 2.11 -7.40 -9.83
N GLU A 72 1.78 -8.67 -9.54
CA GLU A 72 2.20 -9.78 -10.41
C GLU A 72 1.59 -9.64 -11.79
N ALA A 73 0.29 -9.37 -11.84
CA ALA A 73 -0.43 -9.19 -13.09
C ALA A 73 0.03 -7.93 -13.83
N GLY A 74 0.66 -7.00 -13.09
CA GLY A 74 1.13 -5.76 -13.67
C GLY A 74 0.00 -4.74 -13.82
N ASN A 75 -0.85 -4.68 -12.81
CA ASN A 75 -1.98 -3.76 -12.78
C ASN A 75 -1.67 -2.59 -11.84
N VAL A 76 -1.11 -2.90 -10.69
CA VAL A 76 -0.76 -1.89 -9.71
C VAL A 76 0.29 -0.91 -10.25
N GLU A 77 -0.17 0.19 -10.83
CA GLU A 77 0.73 1.20 -11.37
C GLU A 77 1.06 2.24 -10.29
N THR A 78 0.51 2.05 -9.08
CA THR A 78 0.72 2.97 -7.98
C THR A 78 0.52 2.29 -6.64
N LEU A 79 1.18 2.81 -5.60
CA LEU A 79 1.04 2.27 -4.26
C LEU A 79 0.94 3.39 -3.23
N ILE A 80 -0.12 3.34 -2.44
CA ILE A 80 -0.35 4.31 -1.39
C ILE A 80 -0.41 3.61 -0.03
N VAL A 81 0.61 3.88 0.79
CA VAL A 81 0.71 3.30 2.12
C VAL A 81 0.88 4.40 3.16
N LYS A 82 0.22 4.25 4.30
CA LYS A 82 0.33 5.23 5.37
C LYS A 82 1.81 5.46 5.71
N ASP A 83 2.62 4.38 5.62
CA ASP A 83 4.05 4.45 5.90
C ASP A 83 4.73 3.10 5.65
N MET A 84 6.05 3.13 5.43
CA MET A 84 6.83 1.92 5.17
C MET A 84 6.91 0.96 6.36
N SER A 85 6.25 1.28 7.48
CA SER A 85 6.27 0.39 8.64
C SER A 85 5.42 -0.84 8.39
N ARG A 86 4.49 -0.74 7.44
CA ARG A 86 3.61 -1.84 7.10
C ARG A 86 4.35 -2.97 6.40
N LEU A 87 5.01 -2.67 5.27
CA LEU A 87 5.76 -3.68 4.52
C LEU A 87 7.06 -4.05 5.21
N GLY A 88 7.62 -3.16 6.03
CA GLY A 88 8.84 -3.47 6.74
C GLY A 88 9.89 -2.38 6.71
N ARG A 89 10.73 -2.36 7.75
CA ARG A 89 11.81 -1.38 7.85
C ARG A 89 12.96 -1.74 6.92
N ASN A 90 12.98 -3.01 6.47
CA ASN A 90 14.03 -3.49 5.56
C ASN A 90 13.92 -2.84 4.20
N TYR A 91 14.44 -1.62 4.10
CA TYR A 91 14.43 -0.84 2.86
C TYR A 91 15.06 -1.60 1.69
N LEU A 92 15.79 -2.68 1.98
CA LEU A 92 16.41 -3.50 0.94
C LEU A 92 15.33 -4.28 0.21
N GLN A 93 14.62 -5.12 0.96
CA GLN A 93 13.51 -5.92 0.41
C GLN A 93 12.39 -5.01 -0.06
N VAL A 94 12.00 -4.07 0.79
CA VAL A 94 10.95 -3.10 0.44
C VAL A 94 11.32 -2.43 -0.88
N GLY A 95 12.60 -2.06 -1.00
CA GLY A 95 13.11 -1.46 -2.21
C GLY A 95 12.99 -2.39 -3.38
N PHE A 96 13.45 -3.63 -3.22
CA PHE A 96 13.37 -4.64 -4.27
C PHE A 96 11.99 -4.61 -4.92
N TYR A 97 10.96 -4.54 -4.07
CA TYR A 97 9.59 -4.47 -4.54
C TYR A 97 9.35 -3.24 -5.41
N THR A 98 9.77 -2.08 -4.92
CA THR A 98 9.57 -0.83 -5.66
C THR A 98 10.59 -0.60 -6.79
N GLU A 99 11.79 -1.21 -6.70
CA GLU A 99 12.83 -0.98 -7.72
C GLU A 99 12.86 -2.04 -8.83
N VAL A 100 12.73 -3.32 -8.48
CA VAL A 100 12.78 -4.38 -9.49
C VAL A 100 11.41 -5.03 -9.75
N LEU A 101 10.64 -5.21 -8.68
CA LEU A 101 9.33 -5.86 -8.77
C LEU A 101 8.28 -4.98 -9.47
N PHE A 102 7.96 -3.85 -8.85
CA PHE A 102 6.94 -2.91 -9.34
C PHE A 102 7.21 -2.35 -10.76
N PRO A 103 8.49 -2.16 -11.17
CA PRO A 103 8.86 -1.61 -12.48
C PRO A 103 8.03 -2.10 -13.66
N GLN A 104 7.62 -3.36 -13.63
CA GLN A 104 6.81 -3.92 -14.74
C GLN A 104 5.57 -3.05 -15.03
N LYS A 105 5.14 -2.27 -14.03
CA LYS A 105 3.96 -1.41 -14.18
C LYS A 105 4.27 0.07 -13.93
N ASN A 106 5.56 0.43 -13.74
CA ASN A 106 5.92 1.82 -13.47
C ASN A 106 5.11 2.34 -12.29
N VAL A 107 5.50 1.89 -11.10
CA VAL A 107 4.82 2.23 -9.86
C VAL A 107 5.23 3.55 -9.23
N ARG A 108 4.26 4.14 -8.54
CA ARG A 108 4.45 5.37 -7.79
C ARG A 108 4.11 5.07 -6.34
N PHE A 109 5.14 4.75 -5.55
CA PHE A 109 4.93 4.38 -4.16
C PHE A 109 4.75 5.60 -3.27
N LEU A 110 3.97 5.43 -2.19
CA LEU A 110 3.71 6.53 -1.27
C LEU A 110 3.78 6.07 0.18
N ALA A 111 4.58 6.79 0.95
CA ALA A 111 4.76 6.56 2.39
C ALA A 111 4.44 7.85 3.10
N ILE A 112 3.27 7.93 3.69
CA ILE A 112 2.82 9.16 4.33
C ILE A 112 3.56 9.52 5.62
N ASN A 113 3.82 8.56 6.51
CA ASN A 113 4.49 8.83 7.78
C ASN A 113 6.03 8.86 7.68
N ASN A 114 6.56 9.24 6.50
CA ASN A 114 8.02 9.32 6.30
C ASN A 114 8.37 9.49 4.82
N SER A 115 9.59 9.93 4.56
CA SER A 115 10.07 10.13 3.19
C SER A 115 10.24 8.78 2.51
N ILE A 116 9.35 8.47 1.56
CA ILE A 116 9.40 7.20 0.84
C ILE A 116 10.76 6.99 0.16
N ASP A 117 11.31 8.06 -0.41
CA ASP A 117 12.62 7.97 -1.08
C ASP A 117 13.23 9.37 -1.28
N SER A 118 12.52 10.22 -2.02
CA SER A 118 12.97 11.59 -2.31
C SER A 118 14.13 11.60 -3.30
N ASN A 119 14.84 12.72 -3.38
CA ASN A 119 15.97 12.87 -4.30
C ASN A 119 17.11 11.93 -3.94
N ASN A 120 18.22 12.06 -4.66
CA ASN A 120 19.42 11.25 -4.46
C ASN A 120 19.20 9.82 -4.95
N GLY A 1 -6.73 -8.42 -25.83
CA GLY A 1 -8.20 -8.60 -25.91
C GLY A 1 -8.93 -7.29 -26.16
N SER A 2 -8.85 -6.38 -25.20
CA SER A 2 -9.50 -5.07 -25.30
C SER A 2 -8.98 -4.11 -24.23
N ARG A 3 -9.31 -2.82 -24.37
CA ARG A 3 -8.88 -1.80 -23.41
C ARG A 3 -9.59 -1.97 -22.08
N THR A 4 -8.80 -2.16 -21.01
CA THR A 4 -9.35 -2.34 -19.68
C THR A 4 -8.74 -1.38 -18.66
N SER A 5 -9.33 -1.33 -17.47
CA SER A 5 -8.87 -0.46 -16.40
C SER A 5 -8.10 -1.24 -15.34
N ARG A 6 -6.82 -0.93 -15.18
CA ARG A 6 -5.98 -1.58 -14.17
C ARG A 6 -6.42 -1.12 -12.78
N ILE A 7 -5.53 -1.13 -11.78
CA ILE A 7 -5.93 -0.71 -10.44
C ILE A 7 -4.84 0.03 -9.66
N THR A 8 -5.25 0.57 -8.51
CA THR A 8 -4.36 1.28 -7.60
C THR A 8 -4.30 0.49 -6.29
N ALA A 9 -3.16 0.49 -5.61
CA ALA A 9 -3.07 -0.28 -4.37
C ALA A 9 -3.06 0.58 -3.12
N LEU A 10 -3.95 0.23 -2.21
CA LEU A 10 -4.07 0.90 -0.93
C LEU A 10 -3.95 -0.14 0.18
N TYR A 11 -2.77 -0.22 0.81
CA TYR A 11 -2.54 -1.21 1.86
C TYR A 11 -2.25 -0.52 3.19
N GLU A 12 -3.05 -0.82 4.23
CA GLU A 12 -2.87 -0.18 5.54
C GLU A 12 -3.27 -1.07 6.73
N ARG A 13 -2.55 -0.90 7.84
CA ARG A 13 -2.80 -1.66 9.08
C ARG A 13 -3.06 -0.71 10.27
N LEU A 14 -4.05 -1.06 11.10
CA LEU A 14 -4.37 -0.27 12.29
C LEU A 14 -3.89 -1.05 13.54
N SER A 15 -3.32 -0.32 14.49
CA SER A 15 -2.76 -0.91 15.71
C SER A 15 -3.79 -1.50 16.67
N ARG A 16 -3.40 -2.57 17.36
CA ARG A 16 -4.26 -3.26 18.32
C ARG A 16 -4.29 -2.57 19.70
N ASP A 17 -3.32 -1.69 19.99
CA ASP A 17 -3.30 -1.01 21.29
C ASP A 17 -4.09 0.29 21.27
N ASP A 18 -4.26 0.86 20.07
CA ASP A 18 -5.02 2.10 19.88
C ASP A 18 -4.92 3.08 21.05
N ASP A 19 -3.69 3.44 21.42
CA ASP A 19 -3.45 4.42 22.48
C ASP A 19 -3.51 5.85 21.90
N LEU A 20 -4.09 5.96 20.70
CA LEU A 20 -4.22 7.23 19.98
C LEU A 20 -5.64 7.79 20.09
N THR A 21 -6.64 6.90 20.01
CA THR A 21 -8.06 7.26 20.11
C THR A 21 -8.48 8.34 19.10
N GLY A 22 -9.35 7.96 18.16
CA GLY A 22 -9.83 8.90 17.16
C GLY A 22 -10.04 8.24 15.80
N GLU A 23 -9.26 8.65 14.81
CA GLU A 23 -9.37 8.12 13.45
C GLU A 23 -8.43 6.91 13.23
N SER A 24 -7.45 6.75 14.11
CA SER A 24 -6.48 5.65 13.99
C SER A 24 -6.91 4.37 14.71
N ASN A 25 -8.14 4.32 15.26
CA ASN A 25 -8.58 3.13 15.99
C ASN A 25 -9.78 2.43 15.34
N SER A 26 -9.49 1.51 14.42
CA SER A 26 -10.52 0.72 13.73
C SER A 26 -9.95 -0.11 12.58
N ILE A 27 -9.85 0.52 11.40
CA ILE A 27 -9.32 -0.12 10.19
C ILE A 27 -9.79 0.65 8.95
N THR A 28 -11.12 0.81 8.82
CA THR A 28 -11.71 1.54 7.69
C THR A 28 -11.34 3.03 7.75
N ASN A 29 -11.00 3.53 8.95
CA ASN A 29 -10.63 4.93 9.12
C ASN A 29 -9.34 5.23 8.37
N GLN A 30 -8.24 4.51 8.69
CA GLN A 30 -6.98 4.72 7.98
C GLN A 30 -7.17 4.38 6.51
N LYS A 31 -8.07 3.43 6.22
CA LYS A 31 -8.35 3.06 4.84
C LYS A 31 -8.74 4.32 4.08
N LYS A 32 -9.65 5.11 4.69
CA LYS A 32 -10.10 6.38 4.11
C LYS A 32 -8.93 7.36 4.00
N TYR A 33 -7.99 7.26 4.96
CA TYR A 33 -6.80 8.13 4.97
C TYR A 33 -6.09 8.05 3.62
N LEU A 34 -5.58 6.86 3.31
CA LEU A 34 -4.90 6.62 2.06
C LEU A 34 -5.80 7.04 0.90
N GLU A 35 -7.12 6.80 1.06
CA GLU A 35 -8.11 7.17 0.07
C GLU A 35 -8.03 8.67 -0.21
N ASP A 36 -8.14 9.46 0.86
CA ASP A 36 -8.06 10.91 0.78
C ASP A 36 -6.80 11.35 0.03
N TYR A 37 -5.75 10.53 0.13
CA TYR A 37 -4.49 10.80 -0.55
C TYR A 37 -4.62 10.44 -2.03
N ALA A 38 -4.89 9.17 -2.29
CA ALA A 38 -5.05 8.66 -3.64
C ALA A 38 -5.91 9.59 -4.50
N ARG A 39 -6.93 10.20 -3.89
CA ARG A 39 -7.80 11.14 -4.62
C ARG A 39 -7.09 12.47 -4.82
N ARG A 40 -6.48 12.97 -3.73
CA ARG A 40 -5.72 14.22 -3.80
C ARG A 40 -4.53 14.08 -4.76
N ASN A 41 -4.17 12.83 -5.06
CA ASN A 41 -3.06 12.51 -5.96
C ASN A 41 -3.54 12.22 -7.38
N GLY A 42 -4.70 11.58 -7.50
CA GLY A 42 -5.26 11.26 -8.81
C GLY A 42 -5.10 9.79 -9.20
N PHE A 43 -5.43 8.89 -8.27
CA PHE A 43 -5.32 7.46 -8.52
C PHE A 43 -6.70 6.79 -8.56
N GLU A 44 -6.95 6.00 -9.61
CA GLU A 44 -8.22 5.32 -9.80
C GLU A 44 -8.22 3.90 -9.25
N ASN A 45 -9.43 3.35 -9.13
CA ASN A 45 -9.63 1.97 -8.66
C ASN A 45 -9.38 1.79 -7.16
N ILE A 46 -8.34 2.45 -6.65
CA ILE A 46 -7.95 2.42 -5.25
C ILE A 46 -8.53 1.22 -4.49
N ARG A 47 -7.79 0.13 -4.52
CA ARG A 47 -8.18 -1.10 -3.84
C ARG A 47 -7.66 -1.09 -2.42
N HIS A 48 -8.52 -1.48 -1.48
CA HIS A 48 -8.14 -1.48 -0.08
C HIS A 48 -7.71 -2.85 0.41
N PHE A 49 -6.43 -2.93 0.79
CA PHE A 49 -5.86 -4.15 1.32
C PHE A 49 -5.73 -4.01 2.82
N THR A 50 -6.68 -4.64 3.51
CA THR A 50 -6.78 -4.57 4.96
C THR A 50 -5.72 -5.38 5.66
N ASP A 51 -5.44 -4.94 6.89
CA ASP A 51 -4.47 -5.59 7.73
C ASP A 51 -5.13 -6.01 9.03
N ASP A 52 -4.95 -7.26 9.41
CA ASP A 52 -5.55 -7.79 10.62
C ASP A 52 -4.67 -8.84 11.26
N GLY A 53 -4.07 -8.49 12.40
CA GLY A 53 -3.21 -9.41 13.11
C GLY A 53 -2.10 -9.97 12.22
N PHE A 54 -1.38 -9.08 11.54
CA PHE A 54 -0.30 -9.48 10.66
C PHE A 54 0.96 -9.81 11.44
N SER A 55 1.84 -10.57 10.80
CA SER A 55 3.11 -10.97 11.41
C SER A 55 4.13 -9.82 11.32
N GLY A 56 5.26 -9.96 12.02
CA GLY A 56 6.27 -8.92 12.00
C GLY A 56 7.57 -9.37 11.37
N VAL A 57 7.49 -10.17 10.30
CA VAL A 57 8.68 -10.65 9.61
C VAL A 57 9.02 -9.83 8.36
N ASN A 58 8.00 -9.55 7.51
CA ASN A 58 8.22 -8.78 6.27
C ASN A 58 6.94 -8.70 5.40
N PHE A 59 6.89 -9.51 4.33
CA PHE A 59 5.74 -9.50 3.42
C PHE A 59 4.98 -10.83 3.47
N ASN A 60 4.15 -11.08 2.44
CA ASN A 60 3.36 -12.32 2.34
C ASN A 60 2.29 -12.37 3.42
N ARG A 61 1.23 -11.59 3.21
CA ARG A 61 0.09 -11.51 4.12
C ARG A 61 -1.20 -11.76 3.32
N PRO A 62 -2.32 -12.09 3.98
CA PRO A 62 -3.59 -12.32 3.28
C PRO A 62 -4.02 -11.10 2.45
N GLY A 63 -4.33 -9.99 3.14
CA GLY A 63 -4.71 -8.77 2.45
C GLY A 63 -3.59 -8.30 1.52
N PHE A 64 -2.36 -8.48 1.99
CA PHE A 64 -1.16 -8.13 1.23
C PHE A 64 -1.06 -8.98 -0.03
N GLN A 65 -1.36 -10.27 0.12
CA GLN A 65 -1.33 -11.21 -1.01
C GLN A 65 -2.27 -10.74 -2.10
N SER A 66 -3.35 -10.07 -1.70
CA SER A 66 -4.29 -9.50 -2.66
C SER A 66 -3.60 -8.35 -3.37
N LEU A 67 -2.92 -7.52 -2.55
CA LEU A 67 -2.14 -6.39 -3.05
C LEU A 67 -1.13 -6.88 -4.10
N ILE A 68 -0.33 -7.88 -3.71
CA ILE A 68 0.66 -8.47 -4.58
C ILE A 68 -0.01 -9.15 -5.78
N LYS A 69 -1.17 -9.78 -5.55
CA LYS A 69 -1.91 -10.47 -6.61
C LYS A 69 -2.21 -9.49 -7.75
N GLU A 70 -2.48 -8.24 -7.40
CA GLU A 70 -2.75 -7.23 -8.40
C GLU A 70 -1.43 -6.87 -9.09
N VAL A 71 -0.35 -6.84 -8.32
CA VAL A 71 0.97 -6.53 -8.87
C VAL A 71 1.41 -7.59 -9.88
N GLU A 72 1.25 -8.87 -9.52
CA GLU A 72 1.65 -9.98 -10.39
C GLU A 72 0.86 -9.93 -11.70
N ALA A 73 -0.46 -9.74 -11.59
CA ALA A 73 -1.33 -9.65 -12.76
C ALA A 73 -1.05 -8.36 -13.55
N GLY A 74 -0.26 -7.46 -12.96
CA GLY A 74 0.08 -6.21 -13.60
C GLY A 74 -1.11 -5.26 -13.64
N ASN A 75 -1.72 -5.06 -12.47
CA ASN A 75 -2.89 -4.20 -12.31
C ASN A 75 -2.59 -3.01 -11.41
N VAL A 76 -1.90 -3.27 -10.29
CA VAL A 76 -1.57 -2.22 -9.33
C VAL A 76 -0.61 -1.18 -9.93
N GLU A 77 -1.16 -0.20 -10.63
CA GLU A 77 -0.36 0.85 -11.25
C GLU A 77 0.19 1.84 -10.20
N THR A 78 -0.29 1.73 -8.96
CA THR A 78 0.15 2.62 -7.88
C THR A 78 0.03 1.95 -6.52
N LEU A 79 0.86 2.40 -5.57
CA LEU A 79 0.81 1.85 -4.22
C LEU A 79 0.76 2.98 -3.20
N ILE A 80 -0.28 2.97 -2.38
CA ILE A 80 -0.47 3.96 -1.35
C ILE A 80 -0.49 3.29 0.04
N VAL A 81 0.56 3.54 0.82
CA VAL A 81 0.70 2.96 2.15
C VAL A 81 0.90 4.05 3.19
N LYS A 82 0.43 3.81 4.42
CA LYS A 82 0.61 4.75 5.52
C LYS A 82 2.10 5.04 5.70
N ASP A 83 2.93 4.00 5.57
CA ASP A 83 4.37 4.14 5.71
C ASP A 83 5.12 2.88 5.24
N MET A 84 6.42 3.05 4.98
CA MET A 84 7.27 1.95 4.50
C MET A 84 7.45 0.84 5.54
N SER A 85 6.96 1.05 6.77
CA SER A 85 7.09 0.03 7.81
C SER A 85 6.13 -1.13 7.54
N ARG A 86 5.09 -0.86 6.74
CA ARG A 86 4.09 -1.88 6.39
C ARG A 86 4.76 -3.07 5.71
N LEU A 87 5.56 -2.80 4.67
CA LEU A 87 6.27 -3.85 3.96
C LEU A 87 7.56 -4.24 4.68
N GLY A 88 8.19 -3.28 5.34
CA GLY A 88 9.42 -3.57 6.06
C GLY A 88 10.48 -2.49 5.90
N ARG A 89 11.46 -2.51 6.80
CA ARG A 89 12.56 -1.55 6.75
C ARG A 89 13.59 -1.96 5.71
N ASN A 90 13.70 -3.28 5.48
CA ASN A 90 14.65 -3.83 4.53
C ASN A 90 14.42 -3.27 3.12
N TYR A 91 15.09 -2.16 2.82
CA TYR A 91 14.98 -1.49 1.52
C TYR A 91 15.51 -2.39 0.38
N LEU A 92 16.24 -3.46 0.73
CA LEU A 92 16.77 -4.38 -0.27
C LEU A 92 15.60 -5.14 -0.90
N GLN A 93 14.79 -5.78 -0.05
CA GLN A 93 13.61 -6.52 -0.49
C GLN A 93 12.51 -5.55 -0.89
N VAL A 94 12.24 -4.56 -0.02
CA VAL A 94 11.23 -3.55 -0.29
C VAL A 94 11.50 -2.87 -1.63
N GLY A 95 12.78 -2.57 -1.88
CA GLY A 95 13.16 -1.96 -3.14
C GLY A 95 12.88 -2.88 -4.29
N PHE A 96 13.35 -4.13 -4.19
CA PHE A 96 13.11 -5.12 -5.24
C PHE A 96 11.66 -5.04 -5.71
N TYR A 97 10.74 -4.91 -4.76
CA TYR A 97 9.33 -4.81 -5.07
C TYR A 97 9.04 -3.53 -5.88
N THR A 98 9.50 -2.40 -5.37
CA THR A 98 9.24 -1.11 -6.03
C THR A 98 10.16 -0.81 -7.24
N GLU A 99 11.29 -1.52 -7.36
CA GLU A 99 12.24 -1.25 -8.46
C GLU A 99 12.22 -2.30 -9.58
N VAL A 100 12.17 -3.58 -9.23
CA VAL A 100 12.18 -4.64 -10.25
C VAL A 100 10.81 -5.33 -10.38
N LEU A 101 10.15 -5.56 -9.25
CA LEU A 101 8.85 -6.24 -9.22
C LEU A 101 7.72 -5.39 -9.82
N PHE A 102 7.42 -4.26 -9.17
CA PHE A 102 6.35 -3.35 -9.59
C PHE A 102 6.49 -2.79 -11.02
N PRO A 103 7.72 -2.59 -11.53
CA PRO A 103 7.95 -2.03 -12.89
C PRO A 103 6.98 -2.56 -13.96
N GLN A 104 6.54 -3.80 -13.81
CA GLN A 104 5.61 -4.41 -14.79
C GLN A 104 4.45 -3.47 -15.15
N LYS A 105 3.96 -2.73 -14.16
CA LYS A 105 2.83 -1.81 -14.38
C LYS A 105 3.18 -0.35 -14.09
N ASN A 106 4.48 -0.03 -13.91
CA ASN A 106 4.90 1.34 -13.61
C ASN A 106 4.17 1.82 -12.35
N VAL A 107 4.75 1.51 -11.21
CA VAL A 107 4.16 1.82 -9.90
C VAL A 107 4.63 3.14 -9.28
N ARG A 108 3.73 3.72 -8.52
CA ARG A 108 3.99 4.93 -7.76
C ARG A 108 3.75 4.61 -6.30
N PHE A 109 4.82 4.21 -5.61
CA PHE A 109 4.72 3.83 -4.22
C PHE A 109 4.68 5.05 -3.30
N LEU A 110 3.89 4.96 -2.23
CA LEU A 110 3.76 6.06 -1.29
C LEU A 110 3.83 5.58 0.15
N ALA A 111 4.71 6.22 0.91
CA ALA A 111 4.90 5.95 2.33
C ALA A 111 4.72 7.26 3.09
N ILE A 112 3.52 7.45 3.64
CA ILE A 112 3.18 8.70 4.32
C ILE A 112 4.03 9.03 5.57
N ASN A 113 4.37 8.04 6.38
CA ASN A 113 5.14 8.29 7.61
C ASN A 113 6.66 8.18 7.43
N ASN A 114 7.17 8.61 6.27
CA ASN A 114 8.62 8.56 6.00
C ASN A 114 8.94 8.85 4.53
N SER A 115 10.23 8.90 4.21
CA SER A 115 10.68 9.15 2.85
C SER A 115 10.80 7.82 2.10
N ILE A 116 9.83 7.55 1.23
CA ILE A 116 9.77 6.31 0.46
C ILE A 116 11.02 6.10 -0.41
N ASP A 117 11.47 7.16 -1.08
CA ASP A 117 12.63 7.08 -1.96
C ASP A 117 13.03 8.46 -2.50
N SER A 118 12.02 9.27 -2.80
CA SER A 118 12.22 10.62 -3.35
C SER A 118 13.31 11.38 -2.61
N ASN A 119 14.09 12.16 -3.36
CA ASN A 119 15.18 12.94 -2.80
C ASN A 119 14.80 14.42 -2.71
N ASN A 120 14.48 15.01 -3.85
CA ASN A 120 14.11 16.42 -3.92
C ASN A 120 12.68 16.63 -3.40
N GLY A 1 -15.41 -2.13 -18.64
CA GLY A 1 -15.62 -2.94 -19.86
C GLY A 1 -15.19 -2.21 -21.13
N SER A 2 -13.92 -2.33 -21.49
CA SER A 2 -13.39 -1.68 -22.68
C SER A 2 -12.26 -2.51 -23.31
N ARG A 3 -11.03 -2.32 -22.82
CA ARG A 3 -9.87 -3.05 -23.33
C ARG A 3 -8.85 -3.28 -22.22
N THR A 4 -8.18 -2.21 -21.80
CA THR A 4 -7.17 -2.29 -20.75
C THR A 4 -7.52 -1.38 -19.57
N SER A 5 -7.44 -1.94 -18.36
CA SER A 5 -7.76 -1.19 -17.15
C SER A 5 -7.06 -1.79 -15.92
N ARG A 6 -5.83 -1.33 -15.66
CA ARG A 6 -5.06 -1.83 -14.51
C ARG A 6 -5.65 -1.25 -13.21
N ILE A 7 -4.87 -1.22 -12.11
CA ILE A 7 -5.40 -0.71 -10.86
C ILE A 7 -4.39 0.03 -9.98
N THR A 8 -4.90 0.56 -8.86
CA THR A 8 -4.10 1.29 -7.86
C THR A 8 -4.06 0.46 -6.58
N ALA A 9 -2.96 0.51 -5.81
CA ALA A 9 -2.88 -0.30 -4.60
C ALA A 9 -2.96 0.53 -3.33
N LEU A 10 -3.98 0.25 -2.54
CA LEU A 10 -4.21 0.89 -1.27
C LEU A 10 -4.06 -0.15 -0.16
N TYR A 11 -2.93 -0.13 0.53
CA TYR A 11 -2.68 -1.13 1.58
C TYR A 11 -2.53 -0.46 2.96
N GLU A 12 -3.23 -0.99 3.98
CA GLU A 12 -3.16 -0.41 5.32
C GLU A 12 -3.33 -1.45 6.42
N ARG A 13 -2.61 -1.25 7.53
CA ARG A 13 -2.69 -2.15 8.69
C ARG A 13 -2.85 -1.34 9.99
N LEU A 14 -3.96 -1.58 10.69
CA LEU A 14 -4.25 -0.89 11.94
C LEU A 14 -4.18 -1.86 13.12
N SER A 15 -3.40 -1.49 14.13
CA SER A 15 -3.22 -2.31 15.33
C SER A 15 -3.88 -1.67 16.55
N ARG A 16 -4.70 -2.46 17.26
CA ARG A 16 -5.40 -1.99 18.45
C ARG A 16 -4.50 -2.00 19.70
N ASP A 17 -3.31 -2.59 19.57
CA ASP A 17 -2.35 -2.66 20.70
C ASP A 17 -1.41 -1.46 20.71
N ASP A 18 -1.52 -0.60 19.70
CA ASP A 18 -0.67 0.59 19.60
C ASP A 18 -1.10 1.68 20.58
N ASP A 19 -0.28 2.74 20.65
CA ASP A 19 -0.57 3.88 21.52
C ASP A 19 -1.47 4.90 20.80
N LEU A 20 -2.03 4.49 19.66
CA LEU A 20 -2.93 5.33 18.86
C LEU A 20 -4.38 4.88 19.06
N THR A 21 -5.27 5.83 19.32
CA THR A 21 -6.67 5.49 19.53
C THR A 21 -7.60 6.61 19.05
N GLY A 22 -7.53 6.89 17.74
CA GLY A 22 -8.38 7.91 17.14
C GLY A 22 -9.05 7.41 15.87
N GLU A 23 -8.73 8.05 14.75
CA GLU A 23 -9.30 7.67 13.45
C GLU A 23 -8.41 6.63 12.76
N SER A 24 -7.11 6.90 12.71
CA SER A 24 -6.15 6.00 12.08
C SER A 24 -6.23 4.56 12.61
N ASN A 25 -6.78 4.37 13.81
CA ASN A 25 -6.87 3.04 14.40
C ASN A 25 -8.30 2.45 14.35
N SER A 26 -8.74 2.06 13.15
CA SER A 26 -10.09 1.47 13.00
C SER A 26 -10.25 0.66 11.70
N ILE A 27 -9.15 0.34 11.01
CA ILE A 27 -9.20 -0.40 9.77
C ILE A 27 -9.97 0.39 8.70
N THR A 28 -11.30 0.36 8.76
CA THR A 28 -12.13 1.10 7.81
C THR A 28 -11.74 2.58 7.78
N ASN A 29 -11.33 3.13 8.94
CA ASN A 29 -10.93 4.52 9.02
C ASN A 29 -9.66 4.77 8.21
N GLN A 30 -8.60 3.97 8.43
CA GLN A 30 -7.36 4.17 7.65
C GLN A 30 -7.65 3.95 6.16
N LYS A 31 -8.62 3.09 5.85
CA LYS A 31 -9.01 2.84 4.47
C LYS A 31 -9.41 4.16 3.83
N LYS A 32 -10.34 4.85 4.49
CA LYS A 32 -10.81 6.16 4.03
C LYS A 32 -9.67 7.18 3.98
N TYR A 33 -8.66 7.00 4.85
CA TYR A 33 -7.51 7.89 4.87
C TYR A 33 -6.81 7.87 3.52
N LEU A 34 -6.31 6.69 3.15
CA LEU A 34 -5.65 6.53 1.87
C LEU A 34 -6.57 7.00 0.76
N GLU A 35 -7.87 6.71 0.94
CA GLU A 35 -8.89 7.14 -0.01
C GLU A 35 -8.77 8.64 -0.25
N ASP A 36 -8.82 9.40 0.87
CA ASP A 36 -8.68 10.85 0.84
C ASP A 36 -7.44 11.27 0.04
N TYR A 37 -6.40 10.44 0.11
CA TYR A 37 -5.16 10.68 -0.62
C TYR A 37 -5.33 10.36 -2.10
N ALA A 38 -5.62 9.09 -2.38
CA ALA A 38 -5.80 8.63 -3.76
C ALA A 38 -6.70 9.58 -4.56
N ARG A 39 -7.68 10.20 -3.90
CA ARG A 39 -8.58 11.12 -4.59
C ARG A 39 -7.91 12.47 -4.78
N ARG A 40 -7.32 13.01 -3.71
CA ARG A 40 -6.60 14.29 -3.80
C ARG A 40 -5.43 14.17 -4.79
N ASN A 41 -5.03 12.92 -5.06
CA ASN A 41 -3.94 12.64 -5.97
C ASN A 41 -4.45 12.34 -7.39
N GLY A 42 -5.54 11.57 -7.47
CA GLY A 42 -6.13 11.23 -8.76
C GLY A 42 -5.82 9.82 -9.22
N PHE A 43 -6.05 8.83 -8.36
CA PHE A 43 -5.77 7.43 -8.69
C PHE A 43 -7.06 6.62 -8.88
N GLU A 44 -7.07 5.77 -9.90
CA GLU A 44 -8.22 4.93 -10.22
C GLU A 44 -8.06 3.52 -9.68
N ASN A 45 -9.16 2.76 -9.79
CA ASN A 45 -9.20 1.37 -9.37
C ASN A 45 -8.56 1.17 -8.00
N ILE A 46 -8.68 2.18 -7.14
CA ILE A 46 -8.13 2.14 -5.79
C ILE A 46 -8.65 0.95 -5.00
N ARG A 47 -7.86 -0.10 -5.02
CA ARG A 47 -8.20 -1.33 -4.30
C ARG A 47 -7.69 -1.26 -2.87
N HIS A 48 -8.58 -1.56 -1.93
CA HIS A 48 -8.23 -1.52 -0.52
C HIS A 48 -7.81 -2.88 0.01
N PHE A 49 -6.54 -2.98 0.40
CA PHE A 49 -5.98 -4.21 0.95
C PHE A 49 -5.94 -4.10 2.47
N THR A 50 -6.95 -4.71 3.07
CA THR A 50 -7.17 -4.68 4.51
C THR A 50 -6.24 -5.56 5.33
N ASP A 51 -6.07 -5.16 6.60
CA ASP A 51 -5.23 -5.86 7.54
C ASP A 51 -6.06 -6.55 8.62
N ASP A 52 -5.58 -7.70 9.06
CA ASP A 52 -6.24 -8.45 10.12
C ASP A 52 -5.31 -9.50 10.69
N GLY A 53 -4.85 -9.27 11.92
CA GLY A 53 -3.95 -10.20 12.57
C GLY A 53 -2.75 -10.57 11.70
N PHE A 54 -1.98 -9.56 11.27
CA PHE A 54 -0.81 -9.81 10.43
C PHE A 54 0.37 -10.32 11.25
N SER A 55 1.46 -10.60 10.56
CA SER A 55 2.68 -11.09 11.20
C SER A 55 3.72 -9.98 11.27
N GLY A 56 4.80 -10.20 12.02
CA GLY A 56 5.83 -9.20 12.16
C GLY A 56 7.16 -9.62 11.53
N VAL A 57 7.10 -10.45 10.49
CA VAL A 57 8.31 -10.93 9.82
C VAL A 57 8.63 -10.12 8.54
N ASN A 58 7.62 -9.89 7.69
CA ASN A 58 7.82 -9.13 6.42
C ASN A 58 6.54 -9.16 5.55
N PHE A 59 6.74 -9.34 4.24
CA PHE A 59 5.65 -9.36 3.28
C PHE A 59 4.92 -10.71 3.29
N ASN A 60 4.09 -10.96 2.26
CA ASN A 60 3.33 -12.21 2.15
C ASN A 60 2.25 -12.27 3.24
N ARG A 61 1.07 -11.71 2.90
CA ARG A 61 -0.07 -11.65 3.82
C ARG A 61 -1.37 -11.85 3.04
N PRO A 62 -2.50 -12.03 3.74
CA PRO A 62 -3.82 -12.23 3.09
C PRO A 62 -4.14 -11.07 2.13
N GLY A 63 -4.56 -9.93 2.69
CA GLY A 63 -4.86 -8.77 1.88
C GLY A 63 -3.65 -8.34 1.07
N PHE A 64 -2.46 -8.54 1.65
CA PHE A 64 -1.21 -8.20 0.99
C PHE A 64 -1.02 -9.05 -0.26
N GLN A 65 -1.33 -10.34 -0.15
CA GLN A 65 -1.22 -11.25 -1.29
C GLN A 65 -2.15 -10.80 -2.40
N SER A 66 -3.25 -10.13 -2.02
CA SER A 66 -4.18 -9.59 -3.01
C SER A 66 -3.48 -8.42 -3.70
N LEU A 67 -2.84 -7.56 -2.90
CA LEU A 67 -2.07 -6.44 -3.39
C LEU A 67 -1.03 -6.94 -4.41
N ILE A 68 -0.31 -8.00 -4.03
CA ILE A 68 0.70 -8.62 -4.89
C ILE A 68 0.04 -9.31 -6.10
N LYS A 69 -1.11 -9.97 -5.87
CA LYS A 69 -1.82 -10.67 -6.95
C LYS A 69 -2.10 -9.72 -8.12
N GLU A 70 -2.37 -8.47 -7.81
CA GLU A 70 -2.59 -7.46 -8.83
C GLU A 70 -1.25 -7.08 -9.45
N VAL A 71 -0.22 -7.02 -8.59
CA VAL A 71 1.13 -6.70 -9.06
C VAL A 71 1.59 -7.71 -10.11
N GLU A 72 1.49 -9.00 -9.78
CA GLU A 72 1.90 -10.07 -10.70
C GLU A 72 1.10 -10.03 -11.99
N ALA A 73 -0.20 -9.74 -11.86
CA ALA A 73 -1.07 -9.62 -13.02
C ALA A 73 -0.81 -8.34 -13.81
N GLY A 74 0.17 -7.55 -13.36
CA GLY A 74 0.51 -6.30 -14.02
C GLY A 74 -0.67 -5.34 -14.04
N ASN A 75 -1.12 -4.98 -12.84
CA ASN A 75 -2.26 -4.08 -12.66
C ASN A 75 -1.90 -2.92 -11.75
N VAL A 76 -1.55 -3.23 -10.50
CA VAL A 76 -1.19 -2.21 -9.52
C VAL A 76 -0.17 -1.22 -10.08
N GLU A 77 -0.65 -0.09 -10.54
CA GLU A 77 0.21 0.96 -11.10
C GLU A 77 0.54 2.02 -10.06
N THR A 78 0.09 1.80 -8.81
CA THR A 78 0.33 2.75 -7.73
C THR A 78 0.21 2.06 -6.38
N LEU A 79 0.90 2.61 -5.38
CA LEU A 79 0.84 2.06 -4.03
C LEU A 79 0.74 3.18 -3.01
N ILE A 80 -0.31 3.13 -2.20
CA ILE A 80 -0.53 4.12 -1.17
C ILE A 80 -0.54 3.45 0.21
N VAL A 81 0.44 3.85 1.03
CA VAL A 81 0.59 3.30 2.38
C VAL A 81 0.83 4.44 3.38
N LYS A 82 0.34 4.26 4.60
CA LYS A 82 0.53 5.25 5.66
C LYS A 82 2.03 5.55 5.82
N ASP A 83 2.86 4.51 5.69
CA ASP A 83 4.31 4.64 5.81
C ASP A 83 5.00 3.31 5.47
N MET A 84 6.32 3.38 5.22
CA MET A 84 7.12 2.21 4.88
C MET A 84 7.20 1.19 6.04
N SER A 85 6.67 1.55 7.22
CA SER A 85 6.71 0.65 8.37
C SER A 85 5.77 -0.55 8.18
N ARG A 86 4.76 -0.38 7.34
CA ARG A 86 3.79 -1.44 7.07
C ARG A 86 4.47 -2.67 6.46
N LEU A 87 5.19 -2.47 5.34
CA LEU A 87 5.90 -3.56 4.67
C LEU A 87 7.20 -3.91 5.37
N GLY A 88 7.95 -2.90 5.82
CA GLY A 88 9.21 -3.19 6.51
C GLY A 88 10.24 -2.08 6.40
N ARG A 89 11.13 -2.03 7.39
CA ARG A 89 12.21 -1.04 7.43
C ARG A 89 13.36 -1.46 6.50
N ASN A 90 13.39 -2.74 6.12
CA ASN A 90 14.42 -3.28 5.24
C ASN A 90 14.32 -2.69 3.83
N TYR A 91 14.80 -1.45 3.70
CA TYR A 91 14.78 -0.71 2.43
C TYR A 91 15.34 -1.53 1.25
N LEU A 92 16.10 -2.60 1.55
CA LEU A 92 16.67 -3.45 0.50
C LEU A 92 15.54 -4.22 -0.19
N GLN A 93 14.84 -5.03 0.60
CA GLN A 93 13.71 -5.84 0.11
C GLN A 93 12.59 -4.93 -0.38
N VAL A 94 12.22 -3.94 0.43
CA VAL A 94 11.16 -3.01 0.07
C VAL A 94 11.50 -2.34 -1.26
N GLY A 95 12.76 -1.93 -1.42
CA GLY A 95 13.20 -1.32 -2.66
C GLY A 95 13.02 -2.27 -3.83
N PHE A 96 13.53 -3.49 -3.69
CA PHE A 96 13.39 -4.51 -4.72
C PHE A 96 11.97 -4.50 -5.28
N TYR A 97 11.00 -4.44 -4.38
CA TYR A 97 9.59 -4.42 -4.77
C TYR A 97 9.26 -3.18 -5.59
N THR A 98 9.70 -2.02 -5.14
CA THR A 98 9.41 -0.76 -5.85
C THR A 98 10.32 -0.53 -7.06
N GLU A 99 11.53 -1.11 -7.08
CA GLU A 99 12.48 -0.90 -8.19
C GLU A 99 12.45 -1.99 -9.27
N VAL A 100 12.37 -3.27 -8.88
CA VAL A 100 12.36 -4.36 -9.88
C VAL A 100 10.99 -5.03 -10.00
N LEU A 101 10.34 -5.25 -8.86
CA LEU A 101 9.03 -5.92 -8.83
C LEU A 101 7.92 -5.08 -9.45
N PHE A 102 7.68 -3.90 -8.89
CA PHE A 102 6.62 -3.00 -9.35
C PHE A 102 6.73 -2.52 -10.81
N PRO A 103 7.94 -2.29 -11.32
CA PRO A 103 8.18 -1.81 -12.71
C PRO A 103 7.29 -2.41 -13.79
N GLN A 104 6.87 -3.67 -13.60
CA GLN A 104 6.04 -4.38 -14.60
C GLN A 104 4.89 -3.50 -15.08
N LYS A 105 4.26 -2.77 -14.17
CA LYS A 105 3.12 -1.91 -14.54
C LYS A 105 3.35 -0.43 -14.21
N ASN A 106 4.58 -0.08 -13.81
CA ASN A 106 4.90 1.32 -13.47
C ASN A 106 4.16 1.70 -12.20
N VAL A 107 4.90 1.84 -11.10
CA VAL A 107 4.31 2.13 -9.82
C VAL A 107 4.74 3.47 -9.22
N ARG A 108 3.81 4.02 -8.46
CA ARG A 108 4.01 5.26 -7.73
C ARG A 108 3.75 4.96 -6.26
N PHE A 109 4.82 4.63 -5.54
CA PHE A 109 4.70 4.26 -4.14
C PHE A 109 4.60 5.50 -3.25
N LEU A 110 3.82 5.40 -2.19
CA LEU A 110 3.65 6.50 -1.26
C LEU A 110 3.72 6.02 0.19
N ALA A 111 4.60 6.69 0.94
CA ALA A 111 4.80 6.42 2.36
C ALA A 111 4.59 7.74 3.11
N ILE A 112 3.34 7.96 3.51
CA ILE A 112 2.94 9.22 4.15
C ILE A 112 3.78 9.64 5.38
N ASN A 113 3.98 8.73 6.33
CA ASN A 113 4.71 9.08 7.56
C ASN A 113 6.24 9.05 7.42
N ASN A 114 6.77 9.38 6.22
CA ASN A 114 8.22 9.40 6.00
C ASN A 114 8.56 9.60 4.53
N SER A 115 9.86 9.53 4.21
CA SER A 115 10.33 9.69 2.84
C SER A 115 10.35 8.34 2.13
N ILE A 116 9.41 8.16 1.19
CA ILE A 116 9.31 6.91 0.44
C ILE A 116 10.55 6.63 -0.40
N ASP A 117 11.00 7.62 -1.18
CA ASP A 117 12.17 7.46 -2.04
C ASP A 117 12.52 8.77 -2.77
N SER A 118 12.31 9.90 -2.11
CA SER A 118 12.60 11.20 -2.72
C SER A 118 13.97 11.70 -2.30
N ASN A 119 14.59 12.54 -3.13
CA ASN A 119 15.91 13.09 -2.84
C ASN A 119 15.78 14.46 -2.16
N ASN A 120 16.91 15.19 -2.09
CA ASN A 120 16.95 16.52 -1.48
C ASN A 120 16.74 16.43 0.03
N GLY A 1 -6.49 -7.86 -26.00
CA GLY A 1 -5.52 -8.12 -24.90
C GLY A 1 -4.33 -7.17 -24.93
N SER A 2 -4.61 -5.87 -24.97
CA SER A 2 -3.55 -4.86 -25.00
C SER A 2 -3.89 -3.69 -24.06
N ARG A 3 -5.02 -3.03 -24.32
CA ARG A 3 -5.45 -1.89 -23.50
C ARG A 3 -6.62 -2.29 -22.60
N THR A 4 -6.62 -1.77 -21.38
CA THR A 4 -7.67 -2.06 -20.41
C THR A 4 -7.58 -1.13 -19.20
N SER A 5 -8.26 -1.49 -18.11
CA SER A 5 -8.28 -0.68 -16.89
C SER A 5 -7.61 -1.40 -15.73
N ARG A 6 -6.38 -0.99 -15.40
CA ARG A 6 -5.66 -1.58 -14.27
C ARG A 6 -6.21 -1.00 -12.97
N ILE A 7 -5.44 -1.02 -11.87
CA ILE A 7 -5.96 -0.50 -10.61
C ILE A 7 -4.91 0.18 -9.71
N THR A 8 -5.42 0.90 -8.69
CA THR A 8 -4.59 1.59 -7.69
C THR A 8 -4.53 0.73 -6.43
N ALA A 9 -3.41 0.76 -5.69
CA ALA A 9 -3.30 -0.07 -4.50
C ALA A 9 -3.31 0.73 -3.21
N LEU A 10 -4.33 0.47 -2.40
CA LEU A 10 -4.48 1.10 -1.11
C LEU A 10 -4.33 0.04 -0.03
N TYR A 11 -3.17 0.01 0.61
CA TYR A 11 -2.91 -0.99 1.65
C TYR A 11 -2.79 -0.33 3.03
N GLU A 12 -3.47 -0.92 4.03
CA GLU A 12 -3.50 -0.33 5.38
C GLU A 12 -3.53 -1.36 6.51
N ARG A 13 -3.01 -0.96 7.69
CA ARG A 13 -3.00 -1.79 8.90
C ARG A 13 -3.09 -0.90 10.14
N LEU A 14 -4.06 -1.19 11.03
CA LEU A 14 -4.26 -0.41 12.24
C LEU A 14 -4.07 -1.27 13.49
N SER A 15 -3.34 -0.72 14.47
CA SER A 15 -3.07 -1.41 15.73
C SER A 15 -3.70 -0.63 16.90
N ARG A 16 -4.53 -1.34 17.69
CA ARG A 16 -5.21 -0.73 18.84
C ARG A 16 -4.29 -0.63 20.06
N ASP A 17 -3.12 -1.26 19.99
CA ASP A 17 -2.17 -1.25 21.10
C ASP A 17 -1.39 0.07 21.14
N ASP A 18 -1.51 0.86 20.06
CA ASP A 18 -0.83 2.14 19.96
C ASP A 18 -1.37 3.15 20.96
N ASP A 19 -0.55 4.16 21.29
CA ASP A 19 -0.96 5.21 22.21
C ASP A 19 -2.11 6.04 21.62
N LEU A 20 -2.25 5.97 20.30
CA LEU A 20 -3.30 6.68 19.59
C LEU A 20 -4.64 6.00 19.81
N THR A 21 -5.73 6.77 19.66
CA THR A 21 -7.09 6.23 19.84
C THR A 21 -8.12 7.17 19.19
N GLY A 22 -8.77 6.68 18.14
CA GLY A 22 -9.76 7.45 17.42
C GLY A 22 -9.76 7.18 15.93
N GLU A 23 -9.58 8.23 15.12
CA GLU A 23 -9.56 8.09 13.65
C GLU A 23 -8.42 7.18 13.19
N SER A 24 -7.35 7.12 13.99
CA SER A 24 -6.20 6.28 13.67
C SER A 24 -6.35 4.87 14.26
N ASN A 25 -7.53 4.58 14.83
CA ASN A 25 -7.77 3.28 15.45
C ASN A 25 -9.07 2.64 14.96
N SER A 26 -9.10 2.29 13.68
CA SER A 26 -10.26 1.66 13.06
C SER A 26 -9.95 1.33 11.62
N ILE A 27 -10.23 0.08 11.23
CA ILE A 27 -9.97 -0.37 9.86
C ILE A 27 -10.56 0.60 8.84
N THR A 28 -11.89 0.72 8.82
CA THR A 28 -12.57 1.63 7.90
C THR A 28 -12.06 3.08 8.04
N ASN A 29 -11.57 3.44 9.22
CA ASN A 29 -11.07 4.81 9.45
C ASN A 29 -9.81 5.10 8.62
N GLN A 30 -8.74 4.31 8.81
CA GLN A 30 -7.52 4.57 8.02
C GLN A 30 -7.84 4.43 6.54
N LYS A 31 -8.78 3.52 6.19
CA LYS A 31 -9.17 3.35 4.80
C LYS A 31 -9.55 4.71 4.23
N LYS A 32 -10.42 5.42 4.97
CA LYS A 32 -10.86 6.75 4.61
C LYS A 32 -9.66 7.69 4.43
N TYR A 33 -8.66 7.54 5.31
CA TYR A 33 -7.45 8.36 5.25
C TYR A 33 -6.80 8.29 3.86
N LEU A 34 -6.31 7.11 3.49
CA LEU A 34 -5.70 6.90 2.20
C LEU A 34 -6.66 7.34 1.10
N GLU A 35 -7.95 7.04 1.29
CA GLU A 35 -8.96 7.44 0.32
C GLU A 35 -8.90 8.95 0.11
N ASP A 36 -8.87 9.68 1.23
CA ASP A 36 -8.78 11.14 1.19
C ASP A 36 -7.58 11.58 0.35
N TYR A 37 -6.54 10.75 0.35
CA TYR A 37 -5.33 11.04 -0.43
C TYR A 37 -5.59 10.73 -1.90
N ALA A 38 -5.84 9.47 -2.21
CA ALA A 38 -6.09 9.02 -3.57
C ALA A 38 -7.05 9.95 -4.31
N ARG A 39 -8.04 10.49 -3.60
CA ARG A 39 -9.01 11.40 -4.23
C ARG A 39 -8.39 12.78 -4.42
N ARG A 40 -7.75 13.29 -3.35
CA ARG A 40 -7.09 14.58 -3.41
C ARG A 40 -5.96 14.56 -4.46
N ASN A 41 -5.50 13.36 -4.79
CA ASN A 41 -4.44 13.16 -5.78
C ASN A 41 -4.99 12.86 -7.17
N GLY A 42 -6.06 12.04 -7.22
CA GLY A 42 -6.68 11.70 -8.49
C GLY A 42 -6.34 10.30 -8.99
N PHE A 43 -6.52 9.29 -8.13
CA PHE A 43 -6.21 7.90 -8.51
C PHE A 43 -7.49 7.07 -8.66
N GLU A 44 -7.51 6.20 -9.68
CA GLU A 44 -8.67 5.37 -9.96
C GLU A 44 -8.50 3.94 -9.47
N ASN A 45 -9.62 3.21 -9.52
CA ASN A 45 -9.65 1.81 -9.14
C ASN A 45 -9.04 1.57 -7.75
N ILE A 46 -9.11 2.59 -6.90
CA ILE A 46 -8.56 2.51 -5.56
C ILE A 46 -9.07 1.30 -4.80
N ARG A 47 -8.27 0.26 -4.82
CA ARG A 47 -8.62 -0.96 -4.12
C ARG A 47 -8.08 -0.92 -2.70
N HIS A 48 -8.98 -1.17 -1.74
CA HIS A 48 -8.61 -1.14 -0.34
C HIS A 48 -8.23 -2.52 0.19
N PHE A 49 -6.94 -2.67 0.52
CA PHE A 49 -6.42 -3.93 1.06
C PHE A 49 -6.31 -3.80 2.57
N THR A 50 -7.35 -4.32 3.23
CA THR A 50 -7.51 -4.26 4.68
C THR A 50 -6.59 -5.18 5.46
N ASP A 51 -6.32 -4.79 6.70
CA ASP A 51 -5.47 -5.53 7.62
C ASP A 51 -6.28 -6.17 8.74
N ASP A 52 -5.82 -7.34 9.17
CA ASP A 52 -6.47 -8.06 10.25
C ASP A 52 -5.50 -9.08 10.85
N GLY A 53 -5.04 -8.80 12.06
CA GLY A 53 -4.10 -9.70 12.73
C GLY A 53 -2.91 -10.06 11.85
N PHE A 54 -2.08 -9.07 11.54
CA PHE A 54 -0.91 -9.29 10.68
C PHE A 54 0.31 -9.64 11.52
N SER A 55 1.02 -10.68 11.08
CA SER A 55 2.24 -11.13 11.76
C SER A 55 3.36 -10.11 11.56
N GLY A 56 4.43 -10.22 12.34
CA GLY A 56 5.54 -9.29 12.21
C GLY A 56 6.78 -9.89 11.59
N VAL A 57 6.61 -10.65 10.49
CA VAL A 57 7.75 -11.27 9.83
C VAL A 57 8.22 -10.47 8.60
N ASN A 58 7.26 -10.09 7.72
CA ASN A 58 7.54 -9.32 6.49
C ASN A 58 6.61 -9.75 5.36
N PHE A 59 5.81 -8.80 4.86
CA PHE A 59 4.87 -9.04 3.76
C PHE A 59 4.08 -10.36 3.96
N ASN A 60 3.42 -10.82 2.89
CA ASN A 60 2.63 -12.05 2.93
C ASN A 60 1.51 -11.96 3.97
N ARG A 61 0.36 -11.48 3.52
CA ARG A 61 -0.82 -11.31 4.36
C ARG A 61 -2.08 -11.55 3.53
N PRO A 62 -3.24 -11.72 4.17
CA PRO A 62 -4.51 -11.93 3.46
C PRO A 62 -4.77 -10.79 2.46
N GLY A 63 -5.14 -9.63 2.99
CA GLY A 63 -5.37 -8.47 2.15
C GLY A 63 -4.15 -8.13 1.32
N PHE A 64 -2.96 -8.40 1.89
CA PHE A 64 -1.69 -8.16 1.22
C PHE A 64 -1.56 -9.04 -0.01
N GLN A 65 -1.88 -10.32 0.15
CA GLN A 65 -1.82 -11.28 -0.94
C GLN A 65 -2.72 -10.81 -2.08
N SER A 66 -3.77 -10.06 -1.73
CA SER A 66 -4.65 -9.49 -2.73
C SER A 66 -3.90 -8.36 -3.43
N LEU A 67 -3.27 -7.50 -2.62
CA LEU A 67 -2.45 -6.40 -3.11
C LEU A 67 -1.36 -6.93 -4.06
N ILE A 68 -0.65 -7.97 -3.61
CA ILE A 68 0.41 -8.59 -4.42
C ILE A 68 -0.18 -9.25 -5.67
N LYS A 69 -1.36 -9.87 -5.53
CA LYS A 69 -2.03 -10.52 -6.66
C LYS A 69 -2.26 -9.51 -7.80
N GLU A 70 -2.53 -8.27 -7.41
CA GLU A 70 -2.73 -7.19 -8.37
C GLU A 70 -1.40 -6.84 -9.01
N VAL A 71 -0.35 -6.83 -8.19
CA VAL A 71 1.00 -6.52 -8.68
C VAL A 71 1.48 -7.57 -9.70
N GLU A 72 1.30 -8.85 -9.36
CA GLU A 72 1.74 -9.95 -10.23
C GLU A 72 1.02 -9.88 -11.58
N ALA A 73 -0.28 -9.60 -11.54
CA ALA A 73 -1.09 -9.49 -12.75
C ALA A 73 -0.70 -8.25 -13.56
N GLY A 74 -0.17 -7.24 -12.85
CA GLY A 74 0.22 -5.99 -13.48
C GLY A 74 -0.95 -5.00 -13.54
N ASN A 75 -1.73 -4.98 -12.44
CA ASN A 75 -2.88 -4.10 -12.31
C ASN A 75 -2.55 -2.91 -11.44
N VAL A 76 -1.90 -3.15 -10.31
CA VAL A 76 -1.54 -2.08 -9.39
C VAL A 76 -0.62 -1.05 -10.06
N GLU A 77 -1.21 0.01 -10.56
CA GLU A 77 -0.45 1.08 -11.20
C GLU A 77 0.06 2.09 -10.17
N THR A 78 -0.36 1.94 -8.92
CA THR A 78 0.03 2.85 -7.84
C THR A 78 -0.13 2.19 -6.48
N LEU A 79 0.65 2.63 -5.51
CA LEU A 79 0.57 2.09 -4.16
C LEU A 79 0.50 3.22 -3.14
N ILE A 80 -0.53 3.19 -2.32
CA ILE A 80 -0.74 4.18 -1.27
C ILE A 80 -0.72 3.51 0.10
N VAL A 81 0.33 3.80 0.87
CA VAL A 81 0.50 3.22 2.20
C VAL A 81 0.74 4.31 3.25
N LYS A 82 0.23 4.07 4.46
CA LYS A 82 0.40 5.01 5.57
C LYS A 82 1.88 5.39 5.69
N ASP A 83 2.77 4.41 5.54
CA ASP A 83 4.21 4.64 5.61
C ASP A 83 5.00 3.39 5.25
N MET A 84 6.30 3.57 4.98
CA MET A 84 7.18 2.47 4.62
C MET A 84 7.34 1.45 5.76
N SER A 85 6.94 1.83 6.98
CA SER A 85 7.04 0.93 8.12
C SER A 85 6.04 -0.22 7.98
N ARG A 86 4.96 0.04 7.23
CA ARG A 86 3.93 -0.96 6.99
C ARG A 86 4.53 -2.27 6.45
N LEU A 87 5.14 -2.21 5.26
CA LEU A 87 5.75 -3.38 4.64
C LEU A 87 7.09 -3.75 5.28
N GLY A 88 7.77 -2.77 5.92
CA GLY A 88 9.03 -3.08 6.57
C GLY A 88 10.13 -2.07 6.29
N ARG A 89 11.08 -1.99 7.23
CA ARG A 89 12.21 -1.09 7.10
C ARG A 89 13.29 -1.70 6.19
N ASN A 90 13.16 -3.00 5.89
CA ASN A 90 14.10 -3.71 5.02
C ASN A 90 13.95 -3.22 3.58
N TYR A 91 14.57 -2.09 3.29
CA TYR A 91 14.52 -1.46 1.97
C TYR A 91 15.08 -2.38 0.87
N LEU A 92 15.77 -3.45 1.24
CA LEU A 92 16.32 -4.39 0.26
C LEU A 92 15.16 -5.10 -0.45
N GLN A 93 14.31 -5.74 0.35
CA GLN A 93 13.13 -6.45 -0.17
C GLN A 93 12.07 -5.45 -0.61
N VAL A 94 11.80 -4.47 0.27
CA VAL A 94 10.82 -3.42 -0.01
C VAL A 94 11.16 -2.72 -1.33
N GLY A 95 12.44 -2.38 -1.49
CA GLY A 95 12.89 -1.73 -2.71
C GLY A 95 12.66 -2.61 -3.91
N PHE A 96 13.15 -3.85 -3.85
CA PHE A 96 12.98 -4.81 -4.94
C PHE A 96 11.55 -4.73 -5.48
N TYR A 97 10.59 -4.67 -4.57
CA TYR A 97 9.18 -4.59 -4.94
C TYR A 97 8.90 -3.33 -5.74
N THR A 98 9.37 -2.19 -5.24
CA THR A 98 9.12 -0.90 -5.92
C THR A 98 10.05 -0.65 -7.13
N GLU A 99 11.27 -1.21 -7.14
CA GLU A 99 12.21 -0.97 -8.24
C GLU A 99 12.15 -2.00 -9.37
N VAL A 100 12.04 -3.29 -9.06
CA VAL A 100 12.00 -4.31 -10.10
C VAL A 100 10.62 -4.94 -10.28
N LEU A 101 9.95 -5.21 -9.15
CA LEU A 101 8.63 -5.85 -9.16
C LEU A 101 7.54 -4.98 -9.80
N PHE A 102 7.26 -3.84 -9.16
CA PHE A 102 6.22 -2.91 -9.60
C PHE A 102 6.38 -2.35 -11.03
N PRO A 103 7.63 -2.14 -11.51
CA PRO A 103 7.90 -1.58 -12.85
C PRO A 103 7.04 -2.13 -14.00
N GLN A 104 6.70 -3.42 -13.94
CA GLN A 104 5.90 -4.06 -15.01
C GLN A 104 4.67 -3.24 -15.38
N LYS A 105 4.13 -2.46 -14.43
CA LYS A 105 2.94 -1.66 -14.69
C LYS A 105 3.17 -0.17 -14.40
N ASN A 106 4.41 0.23 -14.09
CA ASN A 106 4.73 1.62 -13.78
C ASN A 106 3.96 2.04 -12.53
N VAL A 107 4.64 1.91 -11.39
CA VAL A 107 4.02 2.20 -10.09
C VAL A 107 4.46 3.52 -9.46
N ARG A 108 3.53 4.08 -8.70
CA ARG A 108 3.76 5.31 -7.96
C ARG A 108 3.48 5.02 -6.49
N PHE A 109 4.53 4.66 -5.75
CA PHE A 109 4.40 4.30 -4.36
C PHE A 109 4.31 5.54 -3.46
N LEU A 110 3.51 5.43 -2.40
CA LEU A 110 3.33 6.53 -1.47
C LEU A 110 3.47 6.06 -0.02
N ALA A 111 4.33 6.75 0.71
CA ALA A 111 4.58 6.49 2.12
C ALA A 111 4.34 7.77 2.88
N ILE A 112 3.19 7.87 3.52
CA ILE A 112 2.81 9.11 4.21
C ILE A 112 3.69 9.47 5.42
N ASN A 113 3.84 8.56 6.38
CA ASN A 113 4.61 8.84 7.61
C ASN A 113 6.14 8.75 7.40
N ASN A 114 6.65 9.17 6.24
CA ASN A 114 8.09 9.14 5.95
C ASN A 114 8.38 9.34 4.47
N SER A 115 9.67 9.38 4.12
CA SER A 115 10.08 9.55 2.73
C SER A 115 10.11 8.18 2.03
N ILE A 116 9.23 8.01 1.05
CA ILE A 116 9.12 6.75 0.32
C ILE A 116 10.41 6.38 -0.41
N ASP A 117 10.99 7.33 -1.15
CA ASP A 117 12.23 7.09 -1.90
C ASP A 117 12.77 8.40 -2.49
N SER A 118 12.70 9.48 -1.71
CA SER A 118 13.19 10.78 -2.17
C SER A 118 14.67 10.96 -1.86
N ASN A 119 15.36 11.70 -2.73
CA ASN A 119 16.79 11.98 -2.55
C ASN A 119 17.19 13.27 -3.25
N ASN A 120 17.20 13.25 -4.58
CA ASN A 120 17.56 14.40 -5.37
C ASN A 120 16.38 15.38 -5.51
N GLY A 1 -3.34 -0.54 -25.54
CA GLY A 1 -4.23 0.64 -25.81
C GLY A 1 -5.70 0.25 -25.93
N SER A 2 -6.53 0.83 -25.06
CA SER A 2 -7.97 0.57 -25.06
C SER A 2 -8.33 -0.81 -24.50
N ARG A 3 -9.48 -0.89 -23.83
CA ARG A 3 -9.98 -2.13 -23.25
C ARG A 3 -9.07 -2.63 -22.11
N THR A 4 -8.57 -1.70 -21.30
CA THR A 4 -7.71 -2.06 -20.18
C THR A 4 -7.92 -1.11 -18.99
N SER A 5 -8.08 -1.69 -17.80
CA SER A 5 -8.28 -0.90 -16.58
C SER A 5 -7.63 -1.57 -15.38
N ARG A 6 -6.36 -1.23 -15.13
CA ARG A 6 -5.63 -1.78 -13.99
C ARG A 6 -6.19 -1.20 -12.69
N ILE A 7 -5.40 -1.16 -11.61
CA ILE A 7 -5.92 -0.63 -10.35
C ILE A 7 -4.89 0.06 -9.46
N THR A 8 -5.40 0.78 -8.46
CA THR A 8 -4.59 1.48 -7.46
C THR A 8 -4.59 0.62 -6.20
N ALA A 9 -3.49 0.59 -5.44
CA ALA A 9 -3.47 -0.26 -4.25
C ALA A 9 -3.41 0.52 -2.94
N LEU A 10 -4.35 0.19 -2.06
CA LEU A 10 -4.44 0.78 -0.74
C LEU A 10 -4.20 -0.31 0.30
N TYR A 11 -3.00 -0.34 0.86
CA TYR A 11 -2.62 -1.36 1.85
C TYR A 11 -2.42 -0.71 3.21
N GLU A 12 -3.21 -1.14 4.22
CA GLU A 12 -3.13 -0.50 5.54
C GLU A 12 -3.20 -1.45 6.74
N ARG A 13 -2.84 -0.89 7.90
CA ARG A 13 -2.86 -1.58 9.20
C ARG A 13 -2.84 -0.55 10.33
N LEU A 14 -3.65 -0.77 11.37
CA LEU A 14 -3.76 0.14 12.49
C LEU A 14 -3.23 -0.50 13.79
N SER A 15 -2.61 0.32 14.63
CA SER A 15 -2.00 -0.10 15.90
C SER A 15 -2.92 -0.98 16.77
N ARG A 16 -2.40 -2.12 17.20
CA ARG A 16 -3.15 -3.05 18.04
C ARG A 16 -3.15 -2.64 19.53
N ASP A 17 -2.28 -1.71 19.91
CA ASP A 17 -2.20 -1.28 21.32
C ASP A 17 -3.17 -0.14 21.65
N ASP A 18 -3.58 0.63 20.63
CA ASP A 18 -4.51 1.75 20.84
C ASP A 18 -3.92 2.81 21.78
N ASP A 19 -2.63 3.06 21.64
CA ASP A 19 -1.95 4.07 22.43
C ASP A 19 -2.09 5.46 21.76
N LEU A 20 -3.04 5.56 20.82
CA LEU A 20 -3.29 6.80 20.09
C LEU A 20 -4.77 7.21 20.16
N THR A 21 -5.68 6.23 20.07
CA THR A 21 -7.13 6.47 20.12
C THR A 21 -7.59 7.44 19.03
N GLY A 22 -8.90 7.68 18.97
CA GLY A 22 -9.47 8.59 17.98
C GLY A 22 -9.72 7.91 16.65
N GLU A 23 -9.16 8.48 15.58
CA GLU A 23 -9.32 7.92 14.23
C GLU A 23 -8.21 6.90 13.91
N SER A 24 -7.06 7.06 14.56
CA SER A 24 -5.92 6.16 14.34
C SER A 24 -6.21 4.73 14.83
N ASN A 25 -7.19 4.56 15.71
CA ASN A 25 -7.53 3.23 16.23
C ASN A 25 -8.78 2.66 15.57
N SER A 26 -8.70 2.38 14.26
CA SER A 26 -9.83 1.81 13.53
C SER A 26 -9.45 1.41 12.11
N ILE A 27 -9.83 0.19 11.73
CA ILE A 27 -9.55 -0.33 10.40
C ILE A 27 -10.12 0.61 9.33
N THR A 28 -11.46 0.73 9.33
CA THR A 28 -12.17 1.58 8.38
C THR A 28 -11.65 3.03 8.39
N ASN A 29 -11.29 3.54 9.58
CA ASN A 29 -10.81 4.92 9.68
C ASN A 29 -9.56 5.15 8.84
N GLN A 30 -8.48 4.40 9.09
CA GLN A 30 -7.26 4.58 8.31
C GLN A 30 -7.54 4.33 6.82
N LYS A 31 -8.51 3.43 6.51
CA LYS A 31 -8.88 3.16 5.13
C LYS A 31 -9.28 4.48 4.46
N LYS A 32 -10.21 5.20 5.10
CA LYS A 32 -10.68 6.49 4.60
C LYS A 32 -9.53 7.48 4.43
N TYR A 33 -8.60 7.47 5.37
CA TYR A 33 -7.43 8.36 5.32
C TYR A 33 -6.75 8.25 3.95
N LEU A 34 -6.25 7.06 3.65
CA LEU A 34 -5.59 6.81 2.37
C LEU A 34 -6.52 7.24 1.24
N GLU A 35 -7.81 6.93 1.39
CA GLU A 35 -8.79 7.29 0.39
C GLU A 35 -8.76 8.80 0.15
N ASP A 36 -8.78 9.56 1.25
CA ASP A 36 -8.72 11.01 1.20
C ASP A 36 -7.54 11.48 0.36
N TYR A 37 -6.45 10.69 0.41
CA TYR A 37 -5.25 11.00 -0.36
C TYR A 37 -5.46 10.65 -1.83
N ALA A 38 -5.68 9.38 -2.11
CA ALA A 38 -5.87 8.91 -3.47
C ALA A 38 -6.90 9.75 -4.23
N ARG A 39 -7.93 10.25 -3.53
CA ARG A 39 -8.93 11.09 -4.18
C ARG A 39 -8.38 12.48 -4.41
N ARG A 40 -7.73 13.04 -3.38
CA ARG A 40 -7.12 14.36 -3.47
C ARG A 40 -5.93 14.34 -4.45
N ASN A 41 -5.51 13.12 -4.84
CA ASN A 41 -4.40 12.93 -5.77
C ASN A 41 -4.90 12.55 -7.18
N GLY A 42 -5.98 11.78 -7.24
CA GLY A 42 -6.55 11.38 -8.52
C GLY A 42 -6.24 9.94 -8.91
N PHE A 43 -6.49 8.99 -8.00
CA PHE A 43 -6.22 7.57 -8.26
C PHE A 43 -7.52 6.75 -8.31
N GLU A 44 -7.64 5.91 -9.33
CA GLU A 44 -8.81 5.07 -9.53
C GLU A 44 -8.58 3.64 -9.08
N ASN A 45 -9.66 2.88 -9.08
CA ASN A 45 -9.62 1.46 -8.71
C ASN A 45 -8.98 1.25 -7.34
N ILE A 46 -9.06 2.27 -6.47
CA ILE A 46 -8.50 2.20 -5.13
C ILE A 46 -9.01 0.98 -4.38
N ARG A 47 -8.20 -0.05 -4.40
CA ARG A 47 -8.52 -1.29 -3.70
C ARG A 47 -8.02 -1.25 -2.28
N HIS A 48 -8.92 -1.46 -1.33
CA HIS A 48 -8.54 -1.42 0.07
C HIS A 48 -8.14 -2.81 0.57
N PHE A 49 -6.85 -2.96 0.85
CA PHE A 49 -6.30 -4.21 1.36
C PHE A 49 -6.18 -4.12 2.87
N THR A 50 -7.19 -4.70 3.51
CA THR A 50 -7.35 -4.66 4.96
C THR A 50 -6.38 -5.58 5.72
N ASP A 51 -6.16 -5.19 6.97
CA ASP A 51 -5.28 -5.90 7.89
C ASP A 51 -6.05 -6.51 9.04
N ASP A 52 -5.57 -7.65 9.51
CA ASP A 52 -6.19 -8.33 10.64
C ASP A 52 -5.21 -9.29 11.28
N GLY A 53 -4.74 -8.94 12.48
CA GLY A 53 -3.78 -9.78 13.20
C GLY A 53 -2.59 -10.18 12.34
N PHE A 54 -1.76 -9.20 11.98
CA PHE A 54 -0.58 -9.47 11.14
C PHE A 54 0.60 -9.97 11.98
N SER A 55 1.02 -11.20 11.71
CA SER A 55 2.16 -11.81 12.42
C SER A 55 3.46 -11.06 12.11
N GLY A 56 4.52 -11.38 12.85
CA GLY A 56 5.80 -10.72 12.63
C GLY A 56 6.67 -11.43 11.60
N VAL A 57 6.07 -11.91 10.51
CA VAL A 57 6.81 -12.62 9.48
C VAL A 57 7.18 -11.74 8.27
N ASN A 58 6.70 -10.49 8.23
CA ASN A 58 7.03 -9.57 7.12
C ASN A 58 6.54 -10.09 5.77
N PHE A 59 5.65 -9.31 5.13
CA PHE A 59 5.09 -9.66 3.82
C PHE A 59 4.37 -11.03 3.87
N ASN A 60 3.87 -11.48 2.71
CA ASN A 60 3.14 -12.76 2.64
C ASN A 60 1.95 -12.75 3.61
N ARG A 61 1.18 -11.67 3.54
CA ARG A 61 0.02 -11.45 4.40
C ARG A 61 -1.27 -11.69 3.63
N PRO A 62 -2.40 -11.84 4.34
CA PRO A 62 -3.72 -12.06 3.72
C PRO A 62 -4.11 -10.89 2.79
N GLY A 63 -4.52 -9.76 3.38
CA GLY A 63 -4.88 -8.59 2.60
C GLY A 63 -3.77 -8.17 1.67
N PHE A 64 -2.53 -8.31 2.15
CA PHE A 64 -1.34 -7.98 1.37
C PHE A 64 -1.19 -8.93 0.19
N GLN A 65 -1.45 -10.21 0.42
CA GLN A 65 -1.37 -11.21 -0.64
C GLN A 65 -2.32 -10.82 -1.77
N SER A 66 -3.40 -10.12 -1.42
CA SER A 66 -4.35 -9.63 -2.40
C SER A 66 -3.71 -8.45 -3.13
N LEU A 67 -3.04 -7.58 -2.36
CA LEU A 67 -2.34 -6.44 -2.91
C LEU A 67 -1.27 -6.95 -3.88
N ILE A 68 -0.47 -7.91 -3.41
CA ILE A 68 0.58 -8.51 -4.24
C ILE A 68 -0.05 -9.23 -5.44
N LYS A 69 -1.22 -9.86 -5.22
CA LYS A 69 -1.95 -10.57 -6.28
C LYS A 69 -2.21 -9.64 -7.45
N GLU A 70 -2.47 -8.37 -7.15
CA GLU A 70 -2.70 -7.37 -8.17
C GLU A 70 -1.37 -7.01 -8.82
N VAL A 71 -0.32 -6.96 -8.02
CA VAL A 71 1.02 -6.64 -8.52
C VAL A 71 1.48 -7.70 -9.52
N GLU A 72 1.39 -8.97 -9.13
CA GLU A 72 1.80 -10.08 -9.99
C GLU A 72 1.02 -10.05 -11.30
N ALA A 73 -0.30 -9.88 -11.18
CA ALA A 73 -1.17 -9.80 -12.35
C ALA A 73 -0.84 -8.58 -13.19
N GLY A 74 -0.29 -7.55 -12.54
CA GLY A 74 0.08 -6.32 -13.22
C GLY A 74 -1.08 -5.35 -13.27
N ASN A 75 -1.74 -5.18 -12.11
CA ASN A 75 -2.90 -4.31 -11.95
C ASN A 75 -2.57 -3.11 -11.06
N VAL A 76 -1.95 -3.40 -9.92
CA VAL A 76 -1.61 -2.36 -8.95
C VAL A 76 -0.63 -1.32 -9.51
N GLU A 77 -1.16 -0.37 -10.28
CA GLU A 77 -0.33 0.69 -10.85
C GLU A 77 0.08 1.72 -9.80
N THR A 78 -0.41 1.56 -8.56
CA THR A 78 -0.10 2.49 -7.48
C THR A 78 -0.23 1.84 -6.11
N LEU A 79 0.52 2.36 -5.15
CA LEU A 79 0.48 1.85 -3.79
C LEU A 79 0.36 2.99 -2.79
N ILE A 80 -0.64 2.90 -1.92
CA ILE A 80 -0.88 3.90 -0.90
C ILE A 80 -0.76 3.29 0.50
N VAL A 81 0.25 3.75 1.25
CA VAL A 81 0.50 3.26 2.61
C VAL A 81 0.74 4.43 3.57
N LYS A 82 0.27 4.28 4.82
CA LYS A 82 0.46 5.30 5.85
C LYS A 82 1.95 5.61 5.99
N ASP A 83 2.79 4.56 5.93
CA ASP A 83 4.24 4.69 6.03
C ASP A 83 4.94 3.36 5.79
N MET A 84 6.24 3.42 5.46
CA MET A 84 7.03 2.23 5.16
C MET A 84 7.17 1.25 6.34
N SER A 85 6.60 1.57 7.50
CA SER A 85 6.69 0.67 8.65
C SER A 85 5.77 -0.53 8.46
N ARG A 86 4.77 -0.37 7.58
CA ARG A 86 3.82 -1.43 7.29
C ARG A 86 4.52 -2.68 6.74
N LEU A 87 5.13 -2.54 5.56
CA LEU A 87 5.84 -3.67 4.92
C LEU A 87 7.13 -4.01 5.65
N GLY A 88 7.80 -2.99 6.23
CA GLY A 88 9.03 -3.27 6.96
C GLY A 88 10.10 -2.21 6.78
N ARG A 89 11.06 -2.21 7.70
CA ARG A 89 12.17 -1.26 7.66
C ARG A 89 13.22 -1.69 6.64
N ASN A 90 13.26 -3.00 6.34
CA ASN A 90 14.22 -3.57 5.39
C ASN A 90 13.98 -3.01 3.99
N TYR A 91 14.63 -1.89 3.69
CA TYR A 91 14.50 -1.23 2.39
C TYR A 91 15.09 -2.10 1.27
N LEU A 92 15.86 -3.13 1.64
CA LEU A 92 16.44 -4.05 0.65
C LEU A 92 15.32 -4.85 -0.02
N GLN A 93 14.51 -5.52 0.80
CA GLN A 93 13.38 -6.31 0.32
C GLN A 93 12.26 -5.37 -0.14
N VAL A 94 11.92 -4.43 0.74
CA VAL A 94 10.88 -3.44 0.45
C VAL A 94 11.19 -2.70 -0.86
N GLY A 95 12.46 -2.31 -1.03
CA GLY A 95 12.87 -1.63 -2.24
C GLY A 95 12.70 -2.51 -3.44
N PHE A 96 13.24 -3.74 -3.37
CA PHE A 96 13.13 -4.71 -4.46
C PHE A 96 11.70 -4.71 -4.99
N TYR A 97 10.74 -4.71 -4.08
CA TYR A 97 9.32 -4.69 -4.44
C TYR A 97 8.98 -3.45 -5.24
N THR A 98 9.40 -2.29 -4.75
CA THR A 98 9.10 -1.02 -5.42
C THR A 98 10.01 -0.71 -6.62
N GLU A 99 11.22 -1.28 -6.66
CA GLU A 99 12.18 -1.00 -7.75
C GLU A 99 12.19 -2.05 -8.87
N VAL A 100 12.15 -3.34 -8.53
CA VAL A 100 12.19 -4.38 -9.56
C VAL A 100 10.84 -5.10 -9.72
N LEU A 101 10.17 -5.35 -8.61
CA LEU A 101 8.88 -6.05 -8.60
C LEU A 101 7.76 -5.23 -9.25
N PHE A 102 7.42 -4.11 -8.61
CA PHE A 102 6.32 -3.23 -9.07
C PHE A 102 6.48 -2.68 -10.50
N PRO A 103 7.71 -2.44 -10.99
CA PRO A 103 7.95 -1.89 -12.34
C PRO A 103 7.02 -2.46 -13.43
N GLN A 104 6.59 -3.72 -13.27
CA GLN A 104 5.71 -4.38 -14.25
C GLN A 104 4.54 -3.48 -14.66
N LYS A 105 3.98 -2.74 -13.71
CA LYS A 105 2.83 -1.87 -13.99
C LYS A 105 3.13 -0.39 -13.69
N ASN A 106 4.41 -0.02 -13.57
CA ASN A 106 4.78 1.37 -13.27
C ASN A 106 4.02 1.86 -12.03
N VAL A 107 4.52 1.46 -10.88
CA VAL A 107 3.90 1.77 -9.59
C VAL A 107 4.33 3.11 -9.01
N ARG A 108 3.40 3.70 -8.26
CA ARG A 108 3.64 4.95 -7.56
C ARG A 108 3.38 4.69 -6.08
N PHE A 109 4.45 4.34 -5.37
CA PHE A 109 4.36 4.02 -3.96
C PHE A 109 4.33 5.26 -3.10
N LEU A 110 3.56 5.20 -2.01
CA LEU A 110 3.44 6.34 -1.10
C LEU A 110 3.52 5.90 0.36
N ALA A 111 4.42 6.55 1.07
CA ALA A 111 4.62 6.32 2.50
C ALA A 111 4.46 7.65 3.22
N ILE A 112 3.24 7.93 3.64
CA ILE A 112 2.89 9.21 4.25
C ILE A 112 3.74 9.61 5.48
N ASN A 113 4.17 8.67 6.31
CA ASN A 113 4.94 9.02 7.51
C ASN A 113 6.46 8.92 7.31
N ASN A 114 6.96 9.27 6.12
CA ASN A 114 8.41 9.23 5.85
C ASN A 114 8.72 9.34 4.35
N SER A 115 9.99 9.63 4.04
CA SER A 115 10.42 9.73 2.65
C SER A 115 10.47 8.34 2.03
N ILE A 116 9.50 8.06 1.15
CA ILE A 116 9.41 6.74 0.51
C ILE A 116 10.65 6.42 -0.33
N ASP A 117 11.05 7.35 -1.22
CA ASP A 117 12.22 7.13 -2.06
C ASP A 117 12.86 8.45 -2.49
N SER A 118 12.11 9.26 -3.26
CA SER A 118 12.59 10.56 -3.74
C SER A 118 13.58 10.40 -4.89
N ASN A 119 13.22 10.93 -6.06
CA ASN A 119 14.08 10.86 -7.25
C ASN A 119 13.93 12.11 -8.12
N ASN A 120 14.59 12.12 -9.27
CA ASN A 120 14.53 13.24 -10.19
C ASN A 120 15.09 12.88 -11.56
N GLY A 1 -6.72 -10.38 -22.47
CA GLY A 1 -7.16 -10.47 -21.05
C GLY A 1 -8.63 -10.16 -20.89
N SER A 2 -8.97 -8.88 -20.79
CA SER A 2 -10.36 -8.45 -20.63
C SER A 2 -10.68 -7.26 -21.52
N ARG A 3 -10.10 -6.10 -21.21
CA ARG A 3 -10.33 -4.89 -22.00
C ARG A 3 -9.20 -3.87 -21.77
N THR A 4 -9.27 -3.16 -20.64
CA THR A 4 -8.26 -2.15 -20.31
C THR A 4 -8.47 -1.61 -18.88
N SER A 5 -7.66 -0.61 -18.51
CA SER A 5 -7.74 0.01 -17.19
C SER A 5 -7.12 -0.87 -16.11
N ARG A 6 -5.98 -0.42 -15.58
CA ARG A 6 -5.28 -1.14 -14.51
C ARG A 6 -5.80 -0.64 -13.16
N ILE A 7 -4.98 -0.60 -12.09
CA ILE A 7 -5.49 -0.12 -10.80
C ILE A 7 -4.46 0.55 -9.90
N THR A 8 -4.98 1.19 -8.83
CA THR A 8 -4.17 1.87 -7.81
C THR A 8 -4.11 0.99 -6.57
N ALA A 9 -3.00 1.02 -5.80
CA ALA A 9 -2.91 0.15 -4.63
C ALA A 9 -2.95 0.90 -3.31
N LEU A 10 -3.95 0.54 -2.51
CA LEU A 10 -4.14 1.11 -1.18
C LEU A 10 -3.95 -0.01 -0.15
N TYR A 11 -2.78 -0.04 0.49
CA TYR A 11 -2.48 -1.07 1.48
C TYR A 11 -2.31 -0.42 2.86
N GLU A 12 -3.04 -0.94 3.86
CA GLU A 12 -3.01 -0.33 5.20
C GLU A 12 -3.17 -1.32 6.36
N ARG A 13 -2.77 -0.87 7.56
CA ARG A 13 -2.89 -1.64 8.80
C ARG A 13 -3.28 -0.71 9.95
N LEU A 14 -4.00 -1.24 10.95
CA LEU A 14 -4.40 -0.45 12.11
C LEU A 14 -3.89 -1.12 13.39
N SER A 15 -3.46 -0.30 14.34
CA SER A 15 -2.90 -0.79 15.61
C SER A 15 -4.00 -1.08 16.63
N ARG A 16 -3.97 -2.30 17.16
CA ARG A 16 -4.93 -2.74 18.17
C ARG A 16 -4.60 -2.19 19.56
N ASP A 17 -3.41 -1.57 19.71
CA ASP A 17 -3.01 -1.00 20.99
C ASP A 17 -3.85 0.23 21.32
N ASP A 18 -4.41 0.85 20.28
CA ASP A 18 -5.25 2.03 20.42
C ASP A 18 -4.71 3.00 21.47
N ASP A 19 -3.49 3.46 21.24
CA ASP A 19 -2.83 4.43 22.11
C ASP A 19 -3.00 5.84 21.54
N LEU A 20 -3.93 5.97 20.60
CA LEU A 20 -4.20 7.24 19.93
C LEU A 20 -5.66 7.69 20.15
N THR A 21 -6.58 6.72 20.17
CA THR A 21 -8.01 6.99 20.36
C THR A 21 -8.52 8.05 19.39
N GLY A 22 -8.98 7.60 18.22
CA GLY A 22 -9.50 8.51 17.22
C GLY A 22 -9.76 7.83 15.88
N GLU A 23 -9.07 8.30 14.84
CA GLU A 23 -9.22 7.76 13.49
C GLU A 23 -8.23 6.61 13.22
N SER A 24 -7.17 6.51 14.02
CA SER A 24 -6.15 5.47 13.82
C SER A 24 -6.49 4.14 14.51
N ASN A 25 -7.52 4.11 15.35
CA ASN A 25 -7.88 2.88 16.06
C ASN A 25 -8.98 2.06 15.35
N SER A 26 -8.94 2.02 14.02
CA SER A 26 -9.92 1.25 13.26
C SER A 26 -9.38 0.88 11.89
N ILE A 27 -10.03 -0.08 11.24
CA ILE A 27 -9.63 -0.53 9.93
C ILE A 27 -10.16 0.41 8.84
N THR A 28 -11.49 0.50 8.74
CA THR A 28 -12.15 1.36 7.76
C THR A 28 -11.70 2.83 7.88
N ASN A 29 -11.37 3.27 9.10
CA ASN A 29 -10.94 4.65 9.34
C ASN A 29 -9.66 4.97 8.55
N GLN A 30 -8.59 4.22 8.77
CA GLN A 30 -7.34 4.46 8.06
C GLN A 30 -7.55 4.27 6.55
N LYS A 31 -8.46 3.36 6.17
CA LYS A 31 -8.78 3.14 4.76
C LYS A 31 -9.17 4.49 4.16
N LYS A 32 -10.03 5.21 4.88
CA LYS A 32 -10.49 6.54 4.48
C LYS A 32 -9.32 7.50 4.39
N TYR A 33 -8.36 7.39 5.32
CA TYR A 33 -7.18 8.26 5.32
C TYR A 33 -6.51 8.26 3.95
N LEU A 34 -5.98 7.10 3.55
CA LEU A 34 -5.36 6.98 2.23
C LEU A 34 -6.34 7.42 1.17
N GLU A 35 -7.62 7.07 1.37
CA GLU A 35 -8.66 7.45 0.45
C GLU A 35 -8.59 8.95 0.19
N ASP A 36 -8.61 9.71 1.30
CA ASP A 36 -8.51 11.16 1.25
C ASP A 36 -7.30 11.60 0.45
N TYR A 37 -6.24 10.79 0.50
CA TYR A 37 -5.01 11.09 -0.24
C TYR A 37 -5.21 10.84 -1.73
N ALA A 38 -5.41 9.57 -2.10
CA ALA A 38 -5.60 9.19 -3.50
C ALA A 38 -6.60 10.09 -4.22
N ARG A 39 -7.62 10.56 -3.50
CA ARG A 39 -8.61 11.45 -4.12
C ARG A 39 -8.02 12.85 -4.29
N ARG A 40 -7.35 13.33 -3.24
CA ARG A 40 -6.69 14.64 -3.29
C ARG A 40 -5.60 14.63 -4.37
N ASN A 41 -5.13 13.42 -4.70
CA ASN A 41 -4.09 13.23 -5.69
C ASN A 41 -4.69 13.00 -7.08
N GLY A 42 -5.75 12.20 -7.14
CA GLY A 42 -6.41 11.90 -8.41
C GLY A 42 -6.08 10.51 -8.93
N PHE A 43 -6.21 9.49 -8.08
CA PHE A 43 -5.90 8.10 -8.46
C PHE A 43 -7.18 7.27 -8.63
N GLU A 44 -7.20 6.43 -9.66
CA GLU A 44 -8.34 5.58 -9.97
C GLU A 44 -8.14 4.16 -9.52
N ASN A 45 -9.24 3.40 -9.58
CA ASN A 45 -9.24 1.99 -9.23
C ASN A 45 -8.60 1.73 -7.86
N ILE A 46 -8.70 2.71 -6.97
CA ILE A 46 -8.14 2.61 -5.64
C ILE A 46 -8.66 1.38 -4.90
N ARG A 47 -7.88 0.32 -4.96
CA ARG A 47 -8.22 -0.92 -4.30
C ARG A 47 -7.71 -0.92 -2.87
N HIS A 48 -8.61 -1.17 -1.94
CA HIS A 48 -8.26 -1.17 -0.53
C HIS A 48 -7.84 -2.56 -0.05
N PHE A 49 -6.57 -2.69 0.32
CA PHE A 49 -6.03 -3.94 0.83
C PHE A 49 -5.93 -3.85 2.36
N THR A 50 -6.94 -4.42 2.98
CA THR A 50 -7.12 -4.39 4.43
C THR A 50 -6.17 -5.29 5.22
N ASP A 51 -5.97 -4.89 6.47
CA ASP A 51 -5.10 -5.60 7.41
C ASP A 51 -5.92 -6.32 8.47
N ASP A 52 -5.42 -7.48 8.90
CA ASP A 52 -6.08 -8.26 9.92
C ASP A 52 -5.14 -9.31 10.49
N GLY A 53 -4.73 -9.09 11.75
CA GLY A 53 -3.81 -10.01 12.41
C GLY A 53 -2.60 -10.37 11.56
N PHE A 54 -1.77 -9.37 11.27
CA PHE A 54 -0.58 -9.58 10.44
C PHE A 54 0.62 -10.00 11.29
N SER A 55 1.17 -11.17 10.97
CA SER A 55 2.34 -11.69 11.69
C SER A 55 3.62 -11.03 11.17
N GLY A 56 4.73 -11.25 11.87
CA GLY A 56 6.01 -10.65 11.47
C GLY A 56 6.79 -11.50 10.48
N VAL A 57 6.15 -11.89 9.38
CA VAL A 57 6.80 -12.71 8.34
C VAL A 57 7.31 -11.88 7.15
N ASN A 58 7.03 -10.57 7.13
CA ASN A 58 7.48 -9.69 6.04
C ASN A 58 6.85 -10.12 4.71
N PHE A 59 5.86 -9.35 4.26
CA PHE A 59 5.15 -9.64 3.01
C PHE A 59 4.39 -10.97 3.10
N ASN A 60 3.74 -11.37 2.00
CA ASN A 60 2.99 -12.63 1.95
C ASN A 60 1.82 -12.62 2.94
N ARG A 61 1.01 -11.57 2.86
CA ARG A 61 -0.17 -11.40 3.72
C ARG A 61 -1.45 -11.61 2.90
N PRO A 62 -2.59 -11.81 3.57
CA PRO A 62 -3.88 -12.00 2.89
C PRO A 62 -4.23 -10.83 1.96
N GLY A 63 -4.67 -9.71 2.55
CA GLY A 63 -4.99 -8.53 1.76
C GLY A 63 -3.81 -8.09 0.92
N PHE A 64 -2.61 -8.35 1.43
CA PHE A 64 -1.37 -8.01 0.74
C PHE A 64 -1.18 -8.89 -0.48
N GLN A 65 -1.50 -10.18 -0.33
CA GLN A 65 -1.42 -11.12 -1.44
C GLN A 65 -2.30 -10.61 -2.57
N SER A 66 -3.34 -9.85 -2.19
CA SER A 66 -4.22 -9.24 -3.17
C SER A 66 -3.48 -8.06 -3.81
N LEU A 67 -2.82 -7.25 -2.97
CA LEU A 67 -2.03 -6.12 -3.44
C LEU A 67 -0.93 -6.64 -4.39
N ILE A 68 -0.23 -7.69 -3.96
CA ILE A 68 0.82 -8.30 -4.77
C ILE A 68 0.22 -8.90 -6.06
N LYS A 69 -1.00 -9.45 -5.94
CA LYS A 69 -1.73 -10.04 -7.08
C LYS A 69 -1.90 -9.00 -8.19
N GLU A 70 -2.12 -7.75 -7.80
CA GLU A 70 -2.28 -6.67 -8.77
C GLU A 70 -0.93 -6.36 -9.38
N VAL A 71 0.12 -6.36 -8.54
CA VAL A 71 1.47 -6.08 -9.00
C VAL A 71 1.96 -7.14 -9.99
N GLU A 72 1.72 -8.42 -9.68
CA GLU A 72 2.14 -9.52 -10.55
C GLU A 72 1.44 -9.43 -11.90
N ALA A 73 0.15 -9.10 -11.87
CA ALA A 73 -0.65 -8.98 -13.09
C ALA A 73 -0.33 -7.67 -13.85
N GLY A 74 0.41 -6.77 -13.20
CA GLY A 74 0.75 -5.49 -13.81
C GLY A 74 -0.42 -4.53 -13.86
N ASN A 75 -1.20 -4.51 -12.78
CA ASN A 75 -2.37 -3.63 -12.65
C ASN A 75 -2.03 -2.46 -11.73
N VAL A 76 -1.44 -2.76 -10.58
CA VAL A 76 -1.08 -1.71 -9.64
C VAL A 76 -0.17 -0.67 -10.30
N GLU A 77 -0.73 0.49 -10.60
CA GLU A 77 0.02 1.56 -11.22
C GLU A 77 0.52 2.57 -10.18
N THR A 78 0.09 2.38 -8.94
CA THR A 78 0.46 3.26 -7.84
C THR A 78 0.28 2.56 -6.50
N LEU A 79 1.05 2.98 -5.49
CA LEU A 79 0.94 2.39 -4.17
C LEU A 79 0.86 3.45 -3.09
N ILE A 80 -0.22 3.41 -2.34
CA ILE A 80 -0.42 4.34 -1.23
C ILE A 80 -0.33 3.57 0.10
N VAL A 81 0.64 3.96 0.93
CA VAL A 81 0.86 3.31 2.21
C VAL A 81 1.05 4.35 3.32
N LYS A 82 0.62 4.02 4.55
CA LYS A 82 0.77 4.92 5.67
C LYS A 82 2.26 5.29 5.82
N ASP A 83 3.12 4.28 5.65
CA ASP A 83 4.58 4.45 5.73
C ASP A 83 5.29 3.13 5.45
N MET A 84 6.57 3.21 5.07
CA MET A 84 7.38 2.03 4.75
C MET A 84 7.41 0.98 5.87
N SER A 85 6.94 1.32 7.07
CA SER A 85 6.94 0.37 8.17
C SER A 85 5.92 -0.75 7.96
N ARG A 86 4.94 -0.51 7.08
CA ARG A 86 3.92 -1.51 6.80
C ARG A 86 4.52 -2.76 6.16
N LEU A 87 5.23 -2.60 5.04
CA LEU A 87 5.86 -3.74 4.38
C LEU A 87 7.09 -4.23 5.13
N GLY A 88 7.92 -3.30 5.64
CA GLY A 88 9.09 -3.71 6.38
C GLY A 88 10.24 -2.73 6.32
N ARG A 89 11.14 -2.84 7.30
CA ARG A 89 12.32 -1.97 7.37
C ARG A 89 13.38 -2.40 6.35
N ASN A 90 13.28 -3.64 5.87
CA ASN A 90 14.23 -4.17 4.90
C ASN A 90 14.07 -3.47 3.54
N TYR A 91 14.68 -2.31 3.42
CA TYR A 91 14.62 -1.51 2.19
C TYR A 91 15.24 -2.24 1.00
N LEU A 92 16.00 -3.32 1.26
CA LEU A 92 16.61 -4.11 0.19
C LEU A 92 15.52 -4.85 -0.60
N GLN A 93 14.72 -5.63 0.12
CA GLN A 93 13.60 -6.37 -0.47
C GLN A 93 12.51 -5.41 -0.88
N VAL A 94 12.15 -4.52 0.05
CA VAL A 94 11.11 -3.51 -0.18
C VAL A 94 11.46 -2.68 -1.43
N GLY A 95 12.74 -2.31 -1.54
CA GLY A 95 13.18 -1.56 -2.70
C GLY A 95 13.00 -2.35 -3.96
N PHE A 96 13.49 -3.60 -3.96
CA PHE A 96 13.34 -4.49 -5.11
C PHE A 96 11.92 -4.40 -5.65
N TYR A 97 10.96 -4.39 -4.74
CA TYR A 97 9.55 -4.30 -5.11
C TYR A 97 9.27 -3.00 -5.86
N THR A 98 9.71 -1.87 -5.31
CA THR A 98 9.46 -0.57 -5.95
C THR A 98 10.42 -0.26 -7.12
N GLU A 99 11.62 -0.86 -7.14
CA GLU A 99 12.61 -0.57 -8.20
C GLU A 99 12.58 -1.55 -9.38
N VAL A 100 12.50 -2.86 -9.11
CA VAL A 100 12.49 -3.85 -10.20
C VAL A 100 11.13 -4.50 -10.40
N LEU A 101 10.44 -4.81 -9.30
CA LEU A 101 9.13 -5.47 -9.36
C LEU A 101 8.03 -4.58 -9.96
N PHE A 102 7.72 -3.48 -9.27
CA PHE A 102 6.67 -2.54 -9.69
C PHE A 102 6.86 -1.95 -11.11
N PRO A 103 8.10 -1.72 -11.57
CA PRO A 103 8.40 -1.13 -12.89
C PRO A 103 7.55 -1.64 -14.06
N GLN A 104 7.20 -2.93 -14.04
CA GLN A 104 6.40 -3.52 -15.13
C GLN A 104 5.19 -2.66 -15.51
N LYS A 105 4.67 -1.89 -14.55
CA LYS A 105 3.50 -1.04 -14.80
C LYS A 105 3.76 0.44 -14.43
N ASN A 106 5.02 0.78 -14.09
CA ASN A 106 5.37 2.15 -13.71
C ASN A 106 4.57 2.55 -12.47
N VAL A 107 5.18 2.36 -11.31
CA VAL A 107 4.54 2.63 -10.03
C VAL A 107 4.96 3.93 -9.36
N ARG A 108 4.01 4.48 -8.61
CA ARG A 108 4.22 5.68 -7.83
C ARG A 108 3.90 5.35 -6.38
N PHE A 109 4.95 4.98 -5.64
CA PHE A 109 4.78 4.57 -4.25
C PHE A 109 4.66 5.78 -3.33
N LEU A 110 3.87 5.62 -2.26
CA LEU A 110 3.67 6.70 -1.30
C LEU A 110 3.82 6.19 0.13
N ALA A 111 4.66 6.88 0.88
CA ALA A 111 4.91 6.58 2.29
C ALA A 111 4.64 7.84 3.09
N ILE A 112 3.45 7.92 3.65
CA ILE A 112 3.03 9.12 4.37
C ILE A 112 3.92 9.47 5.59
N ASN A 113 4.08 8.55 6.53
CA ASN A 113 4.87 8.82 7.74
C ASN A 113 6.36 9.06 7.44
N ASN A 114 6.98 8.17 6.67
CA ASN A 114 8.40 8.29 6.35
C ASN A 114 8.63 8.56 4.86
N SER A 115 9.75 9.20 4.54
CA SER A 115 10.10 9.50 3.15
C SER A 115 10.24 8.21 2.35
N ILE A 116 9.28 7.97 1.47
CA ILE A 116 9.25 6.78 0.62
C ILE A 116 10.58 6.49 -0.07
N ASP A 117 11.27 7.54 -0.49
CA ASP A 117 12.55 7.41 -1.17
C ASP A 117 13.18 8.78 -1.45
N SER A 118 12.33 9.76 -1.76
CA SER A 118 12.77 11.12 -2.04
C SER A 118 13.64 11.69 -0.91
N ASN A 119 14.45 12.69 -1.23
CA ASN A 119 15.33 13.32 -0.26
C ASN A 119 14.55 14.25 0.67
N ASN A 120 15.24 15.23 1.26
CA ASN A 120 14.64 16.19 2.16
C ASN A 120 14.08 15.51 3.42
N GLY A 1 -15.41 -6.21 -24.22
CA GLY A 1 -14.20 -5.46 -23.79
C GLY A 1 -13.73 -5.88 -22.40
N SER A 2 -12.42 -6.05 -22.25
CA SER A 2 -11.83 -6.44 -20.97
C SER A 2 -10.57 -5.64 -20.66
N ARG A 3 -9.51 -5.83 -21.45
CA ARG A 3 -8.25 -5.13 -21.25
C ARG A 3 -8.42 -3.63 -21.53
N THR A 4 -8.49 -2.83 -20.46
CA THR A 4 -8.65 -1.38 -20.59
C THR A 4 -8.28 -0.66 -19.30
N SER A 5 -8.79 -1.15 -18.16
CA SER A 5 -8.52 -0.52 -16.87
C SER A 5 -7.87 -1.49 -15.88
N ARG A 6 -6.74 -1.06 -15.31
CA ARG A 6 -6.03 -1.85 -14.31
C ARG A 6 -6.47 -1.39 -12.91
N ILE A 7 -5.55 -1.20 -11.94
CA ILE A 7 -5.99 -0.76 -10.60
C ILE A 7 -4.96 0.05 -9.80
N THR A 8 -5.41 0.55 -8.65
CA THR A 8 -4.58 1.31 -7.71
C THR A 8 -4.46 0.49 -6.42
N ALA A 9 -3.30 0.52 -5.75
CA ALA A 9 -3.16 -0.29 -4.54
C ALA A 9 -3.14 0.53 -3.26
N LEU A 10 -4.14 0.27 -2.43
CA LEU A 10 -4.29 0.92 -1.14
C LEU A 10 -4.09 -0.13 -0.05
N TYR A 11 -2.91 -0.13 0.58
CA TYR A 11 -2.62 -1.13 1.61
C TYR A 11 -2.32 -0.47 2.96
N GLU A 12 -3.01 -0.93 4.03
CA GLU A 12 -2.82 -0.35 5.36
C GLU A 12 -2.91 -1.40 6.49
N ARG A 13 -2.46 -1.01 7.69
CA ARG A 13 -2.49 -1.88 8.87
C ARG A 13 -2.64 -1.03 10.14
N LEU A 14 -3.62 -1.39 10.97
CA LEU A 14 -3.89 -0.67 12.22
C LEU A 14 -3.86 -1.63 13.42
N SER A 15 -3.08 -1.26 14.43
CA SER A 15 -2.96 -2.06 15.64
C SER A 15 -3.67 -1.37 16.81
N ARG A 16 -4.66 -2.06 17.38
CA ARG A 16 -5.43 -1.51 18.50
C ARG A 16 -4.67 -1.66 19.84
N ASP A 17 -3.58 -2.41 19.83
CA ASP A 17 -2.77 -2.61 21.04
C ASP A 17 -1.97 -1.36 21.39
N ASP A 18 -1.86 -0.44 20.43
CA ASP A 18 -1.12 0.80 20.63
C ASP A 18 -1.93 1.80 21.46
N ASP A 19 -1.24 2.80 22.00
CA ASP A 19 -1.87 3.83 22.83
C ASP A 19 -2.42 5.00 22.00
N LEU A 20 -2.57 4.81 20.68
CA LEU A 20 -3.08 5.86 19.80
C LEU A 20 -4.61 5.96 19.87
N THR A 21 -5.30 5.13 19.07
CA THR A 21 -6.78 5.12 19.03
C THR A 21 -7.34 6.42 18.44
N GLY A 22 -8.24 6.27 17.45
CA GLY A 22 -8.84 7.42 16.81
C GLY A 22 -9.08 7.20 15.31
N GLU A 23 -9.08 8.29 14.54
CA GLU A 23 -9.28 8.21 13.09
C GLU A 23 -8.13 7.46 12.40
N SER A 24 -6.95 7.52 13.00
CA SER A 24 -5.78 6.85 12.44
C SER A 24 -5.63 5.42 12.97
N ASN A 25 -6.62 4.93 13.74
CA ASN A 25 -6.54 3.59 14.32
C ASN A 25 -7.91 2.91 14.47
N SER A 26 -8.40 2.29 13.39
CA SER A 26 -9.70 1.56 13.42
C SER A 26 -9.98 0.79 12.11
N ILE A 27 -8.92 0.40 11.39
CA ILE A 27 -9.08 -0.34 10.15
C ILE A 27 -9.87 0.47 9.11
N THR A 28 -11.21 0.43 9.17
CA THR A 28 -12.05 1.19 8.24
C THR A 28 -11.64 2.67 8.24
N ASN A 29 -11.21 3.17 9.40
CA ASN A 29 -10.78 4.55 9.55
C ASN A 29 -9.55 4.84 8.70
N GLN A 30 -8.50 3.99 8.81
CA GLN A 30 -7.30 4.22 7.99
C GLN A 30 -7.65 4.10 6.52
N LYS A 31 -8.55 3.16 6.19
CA LYS A 31 -9.00 2.99 4.81
C LYS A 31 -9.39 4.35 4.25
N LYS A 32 -10.26 5.03 4.98
CA LYS A 32 -10.71 6.38 4.62
C LYS A 32 -9.52 7.33 4.46
N TYR A 33 -8.50 7.15 5.30
CA TYR A 33 -7.29 8.00 5.26
C TYR A 33 -6.65 7.99 3.86
N LEU A 34 -6.13 6.84 3.46
CA LEU A 34 -5.50 6.72 2.14
C LEU A 34 -6.51 7.13 1.07
N GLU A 35 -7.79 6.81 1.31
CA GLU A 35 -8.84 7.18 0.38
C GLU A 35 -8.79 8.68 0.15
N ASP A 36 -8.79 9.43 1.26
CA ASP A 36 -8.70 10.90 1.22
C ASP A 36 -7.52 11.33 0.34
N TYR A 37 -6.47 10.51 0.34
CA TYR A 37 -5.28 10.78 -0.46
C TYR A 37 -5.53 10.47 -1.93
N ALA A 38 -5.80 9.20 -2.24
CA ALA A 38 -6.04 8.79 -3.62
C ALA A 38 -7.03 9.71 -4.33
N ARG A 39 -8.01 10.24 -3.60
CA ARG A 39 -8.98 11.16 -4.21
C ARG A 39 -8.35 12.53 -4.40
N ARG A 40 -7.65 13.02 -3.37
CA ARG A 40 -6.97 14.31 -3.45
C ARG A 40 -5.86 14.24 -4.51
N ASN A 41 -5.47 13.02 -4.87
CA ASN A 41 -4.42 12.79 -5.87
C ASN A 41 -5.01 12.48 -7.25
N GLY A 42 -6.07 11.67 -7.28
CA GLY A 42 -6.72 11.32 -8.54
C GLY A 42 -6.41 9.90 -9.02
N PHE A 43 -6.58 8.91 -8.14
CA PHE A 43 -6.31 7.51 -8.48
C PHE A 43 -7.59 6.68 -8.57
N GLU A 44 -7.66 5.81 -9.58
CA GLU A 44 -8.83 4.96 -9.81
C GLU A 44 -8.63 3.53 -9.34
N ASN A 45 -9.73 2.78 -9.34
CA ASN A 45 -9.72 1.38 -8.95
C ASN A 45 -9.08 1.16 -7.59
N ILE A 46 -9.13 2.18 -6.74
CA ILE A 46 -8.55 2.14 -5.41
C ILE A 46 -9.00 0.91 -4.64
N ARG A 47 -8.14 -0.10 -4.64
CA ARG A 47 -8.40 -1.34 -3.92
C ARG A 47 -7.84 -1.24 -2.50
N HIS A 48 -8.67 -1.57 -1.53
CA HIS A 48 -8.25 -1.49 -0.13
C HIS A 48 -7.82 -2.84 0.41
N PHE A 49 -6.51 -2.97 0.67
CA PHE A 49 -5.94 -4.19 1.21
C PHE A 49 -5.81 -4.05 2.71
N THR A 50 -6.75 -4.70 3.38
CA THR A 50 -6.91 -4.67 4.83
C THR A 50 -5.90 -5.52 5.62
N ASP A 51 -5.70 -5.11 6.88
CA ASP A 51 -4.80 -5.78 7.80
C ASP A 51 -5.58 -6.43 8.94
N ASP A 52 -5.08 -7.56 9.41
CA ASP A 52 -5.74 -8.28 10.50
C ASP A 52 -4.77 -9.27 11.14
N GLY A 53 -4.33 -8.95 12.36
CA GLY A 53 -3.40 -9.81 13.08
C GLY A 53 -2.21 -10.22 12.24
N PHE A 54 -1.38 -9.25 11.86
CA PHE A 54 -0.20 -9.54 11.05
C PHE A 54 1.02 -9.79 11.93
N SER A 55 1.66 -10.94 11.75
CA SER A 55 2.85 -11.31 12.51
C SER A 55 4.08 -10.54 12.02
N GLY A 56 5.18 -10.62 12.76
CA GLY A 56 6.40 -9.92 12.38
C GLY A 56 7.16 -10.60 11.25
N VAL A 57 6.47 -10.94 10.16
CA VAL A 57 7.09 -11.60 9.01
C VAL A 57 7.43 -10.61 7.88
N ASN A 58 7.07 -9.34 8.04
CA ASN A 58 7.35 -8.30 7.04
C ASN A 58 6.32 -8.31 5.90
N PHE A 59 6.52 -9.16 4.89
CA PHE A 59 5.59 -9.24 3.77
C PHE A 59 4.86 -10.59 3.80
N ASN A 60 4.05 -10.85 2.77
CA ASN A 60 3.29 -12.11 2.69
C ASN A 60 2.17 -12.13 3.74
N ARG A 61 1.05 -11.54 3.36
CA ARG A 61 -0.14 -11.45 4.21
C ARG A 61 -1.39 -11.71 3.36
N PRO A 62 -2.54 -11.99 3.98
CA PRO A 62 -3.79 -12.23 3.25
C PRO A 62 -4.12 -11.07 2.31
N GLY A 63 -4.48 -9.92 2.89
CA GLY A 63 -4.78 -8.74 2.09
C GLY A 63 -3.58 -8.29 1.28
N PHE A 64 -2.38 -8.58 1.79
CA PHE A 64 -1.13 -8.25 1.13
C PHE A 64 -0.95 -9.08 -0.12
N GLN A 65 -1.31 -10.37 -0.01
CA GLN A 65 -1.23 -11.28 -1.13
C GLN A 65 -2.18 -10.81 -2.22
N SER A 66 -3.24 -10.10 -1.81
CA SER A 66 -4.19 -9.53 -2.75
C SER A 66 -3.53 -8.32 -3.42
N LEU A 67 -2.82 -7.53 -2.59
CA LEU A 67 -2.07 -6.38 -3.07
C LEU A 67 -1.07 -6.85 -4.13
N ILE A 68 -0.30 -7.89 -3.78
CA ILE A 68 0.66 -8.49 -4.70
C ILE A 68 -0.08 -9.12 -5.88
N LYS A 69 -1.25 -9.71 -5.60
CA LYS A 69 -2.08 -10.36 -6.62
C LYS A 69 -2.33 -9.40 -7.78
N GLU A 70 -2.61 -8.14 -7.47
CA GLU A 70 -2.83 -7.15 -8.50
C GLU A 70 -1.50 -6.81 -9.16
N VAL A 71 -0.42 -6.81 -8.36
CA VAL A 71 0.91 -6.53 -8.87
C VAL A 71 1.37 -7.60 -9.87
N GLU A 72 1.16 -8.88 -9.53
CA GLU A 72 1.55 -9.99 -10.40
C GLU A 72 0.78 -9.95 -11.71
N ALA A 73 -0.51 -9.63 -11.63
CA ALA A 73 -1.35 -9.54 -12.82
C ALA A 73 -1.13 -8.22 -13.56
N GLY A 74 -0.14 -7.43 -13.11
CA GLY A 74 0.16 -6.15 -13.73
C GLY A 74 -1.04 -5.23 -13.78
N ASN A 75 -1.73 -5.11 -12.65
CA ASN A 75 -2.91 -4.27 -12.54
C ASN A 75 -2.60 -3.04 -11.67
N VAL A 76 -1.96 -3.29 -10.53
CA VAL A 76 -1.62 -2.20 -9.63
C VAL A 76 -0.69 -1.19 -10.30
N GLU A 77 -1.25 -0.04 -10.66
CA GLU A 77 -0.48 1.02 -11.30
C GLU A 77 -0.03 2.06 -10.28
N THR A 78 -0.40 1.85 -9.01
CA THR A 78 -0.05 2.78 -7.94
C THR A 78 -0.12 2.11 -6.58
N LEU A 79 0.66 2.62 -5.62
CA LEU A 79 0.64 2.09 -4.27
C LEU A 79 0.58 3.21 -3.25
N ILE A 80 -0.44 3.16 -2.42
CA ILE A 80 -0.64 4.15 -1.37
C ILE A 80 -0.59 3.47 -0.01
N VAL A 81 0.41 3.85 0.79
CA VAL A 81 0.61 3.29 2.12
C VAL A 81 0.84 4.40 3.15
N LYS A 82 0.44 4.13 4.40
CA LYS A 82 0.63 5.08 5.48
C LYS A 82 2.10 5.48 5.55
N ASP A 83 3.00 4.49 5.41
CA ASP A 83 4.44 4.72 5.43
C ASP A 83 5.22 3.46 5.07
N MET A 84 6.52 3.63 4.81
CA MET A 84 7.40 2.51 4.45
C MET A 84 7.58 1.52 5.61
N SER A 85 7.09 1.87 6.80
CA SER A 85 7.20 0.98 7.96
C SER A 85 6.26 -0.20 7.79
N ARG A 86 5.24 -0.03 6.94
CA ARG A 86 4.26 -1.05 6.66
C ARG A 86 4.91 -2.31 6.09
N LEU A 87 5.50 -2.18 4.90
CA LEU A 87 6.15 -3.32 4.24
C LEU A 87 7.48 -3.68 4.91
N GLY A 88 8.17 -2.69 5.48
CA GLY A 88 9.43 -2.99 6.15
C GLY A 88 10.50 -1.94 5.95
N ARG A 89 11.48 -1.94 6.85
CA ARG A 89 12.61 -1.02 6.79
C ARG A 89 13.58 -1.48 5.71
N ASN A 90 13.68 -2.80 5.54
CA ASN A 90 14.58 -3.40 4.54
C ASN A 90 14.29 -2.83 3.15
N TYR A 91 15.07 -1.83 2.79
CA TYR A 91 14.93 -1.15 1.50
C TYR A 91 15.36 -2.05 0.33
N LEU A 92 16.06 -3.15 0.63
CA LEU A 92 16.49 -4.09 -0.41
C LEU A 92 15.27 -4.79 -1.01
N GLN A 93 14.53 -5.48 -0.15
CA GLN A 93 13.29 -6.17 -0.56
C GLN A 93 12.26 -5.14 -0.99
N VAL A 94 12.02 -4.15 -0.12
CA VAL A 94 11.06 -3.09 -0.40
C VAL A 94 11.37 -2.42 -1.74
N GLY A 95 12.65 -2.10 -1.96
CA GLY A 95 13.06 -1.49 -3.21
C GLY A 95 12.78 -2.38 -4.39
N PHE A 96 13.26 -3.63 -4.32
CA PHE A 96 13.05 -4.61 -5.39
C PHE A 96 11.60 -4.56 -5.88
N TYR A 97 10.66 -4.49 -4.94
CA TYR A 97 9.25 -4.42 -5.27
C TYR A 97 8.93 -3.15 -6.05
N THR A 98 9.42 -2.01 -5.57
CA THR A 98 9.16 -0.73 -6.22
C THR A 98 10.04 -0.46 -7.46
N GLU A 99 11.24 -1.07 -7.54
CA GLU A 99 12.15 -0.83 -8.67
C GLU A 99 12.06 -1.87 -9.79
N VAL A 100 11.97 -3.16 -9.45
CA VAL A 100 11.92 -4.20 -10.48
C VAL A 100 10.54 -4.85 -10.61
N LEU A 101 9.90 -5.12 -9.48
CA LEU A 101 8.59 -5.78 -9.45
C LEU A 101 7.48 -4.91 -10.06
N PHE A 102 7.19 -3.78 -9.41
CA PHE A 102 6.12 -2.85 -9.84
C PHE A 102 6.24 -2.33 -11.28
N PRO A 103 7.47 -2.10 -11.78
CA PRO A 103 7.72 -1.56 -13.15
C PRO A 103 6.83 -2.13 -14.26
N GLN A 104 6.51 -3.43 -14.17
CA GLN A 104 5.69 -4.07 -15.21
C GLN A 104 4.40 -3.29 -15.50
N LYS A 105 3.94 -2.48 -14.53
CA LYS A 105 2.71 -1.71 -14.71
C LYS A 105 2.92 -0.21 -14.47
N ASN A 106 4.17 0.22 -14.20
CA ASN A 106 4.44 1.64 -13.94
C ASN A 106 3.71 2.05 -12.66
N VAL A 107 4.43 2.00 -11.56
CA VAL A 107 3.86 2.29 -10.24
C VAL A 107 4.28 3.62 -9.64
N ARG A 108 3.37 4.16 -8.83
CA ARG A 108 3.59 5.39 -8.10
C ARG A 108 3.36 5.09 -6.63
N PHE A 109 4.44 4.75 -5.94
CA PHE A 109 4.37 4.38 -4.53
C PHE A 109 4.30 5.62 -3.65
N LEU A 110 3.60 5.49 -2.52
CA LEU A 110 3.46 6.60 -1.59
C LEU A 110 3.61 6.15 -0.14
N ALA A 111 4.42 6.90 0.58
CA ALA A 111 4.67 6.68 1.99
C ALA A 111 4.34 7.96 2.72
N ILE A 112 3.15 8.01 3.29
CA ILE A 112 2.64 9.23 3.95
C ILE A 112 3.48 9.71 5.15
N ASN A 113 3.88 8.80 6.04
CA ASN A 113 4.63 9.19 7.25
C ASN A 113 6.14 9.32 7.05
N ASN A 114 6.62 9.34 5.80
CA ASN A 114 8.06 9.46 5.54
C ASN A 114 8.38 9.47 4.06
N SER A 115 9.54 10.04 3.69
CA SER A 115 9.97 10.09 2.30
C SER A 115 10.19 8.67 1.78
N ILE A 116 9.32 8.25 0.87
CA ILE A 116 9.38 6.91 0.29
C ILE A 116 10.73 6.62 -0.39
N ASP A 117 11.24 7.59 -1.17
CA ASP A 117 12.51 7.43 -1.88
C ASP A 117 12.98 8.78 -2.42
N SER A 118 12.04 9.56 -2.95
CA SER A 118 12.33 10.87 -3.53
C SER A 118 13.34 11.67 -2.69
N ASN A 119 14.21 12.40 -3.38
CA ASN A 119 15.23 13.22 -2.72
C ASN A 119 14.70 14.59 -2.37
N ASN A 120 15.26 15.17 -1.31
CA ASN A 120 14.86 16.50 -0.85
C ASN A 120 15.74 16.94 0.31
#